data_3CII
#
_entry.id   3CII
#
_cell.length_a   345.983
_cell.length_b   345.983
_cell.length_c   345.983
_cell.angle_alpha   90.00
_cell.angle_beta   90.00
_cell.angle_gamma   90.00
#
_symmetry.space_group_name_H-M   'I 41 3 2'
#
loop_
_entity.id
_entity.type
_entity.pdbx_description
1 polymer 'HLA class I histocompatibility antigen, alpha chain E'
2 polymer Beta-2-microglobulin
3 polymer 'HLA class I histocompatibility antigen peptide'
4 polymer 'Natural killer cells antigen CD94'
5 polymer 'NKG2-A/NKG2-B type II integral membrane protein'
#
loop_
_entity_poly.entity_id
_entity_poly.type
_entity_poly.pdbx_seq_one_letter_code
_entity_poly.pdbx_strand_id
1 'polypeptide(L)'
;SHSLKYFHTSVSRPGRGEPRFISVGYVDDTQFVRFDNDAASPRMVPRAPWMEQEGSEYWDRETRSARDTAQIFRVNLRTL
RGYYNQSEAGSHTLQWMHGCELGPDRRFLRGYEQFAYDGKDYLTLNEDLRSWTAVDTAAQISEQKSNDASEAEHQRAYLE
DTCVEWLHKYLEKGKETLLHLEPPKTHVTHHPISDHEATLRCWALGFYPAEITLTWQQDGEGHTQDTELVETRPAGDGTF
QKWAAVVVPSGEEQRYTCHVQHEGLPEPVTLRW
;
A,D
2 'polypeptide(L)'
;MIQRTPKIQVYSRHPAENGKSNFLNCYVSGFHPSDIEVDLLKNGERIEKVEHSDLSFSKDWSFYLLYYTEFTPTEKDEYA
CRVNHVTLSQPKIVKWDRDM
;
B,E
3 'polypeptide(L)' VMAPRTLFL C,F
4 'polypeptide(L)'
;CSCQEKWVGYRCNCYFISSEQKTWNESRHLCASQKSSLLQLQNTDELDFMSSSQQFYWIGLSYSEEHTAWLWENGSALSQ
YLFPSFETFNTKNCIAYNPNGNALDESCEDKNRYICKQQLI
;
G,I
5 'polypeptide(L)'
;ARHCGHCPEEWITYSNSCYYIGKERRTWEESLLACTSKNSSLLSIDNEEEMKFLSIISPSSWIGVFRNSSHHPWVTMNGL
AFKHEIKDSDNAELNCAVLQVNRLKSAQCGSSIIYHCKHK
;
H,J
#
# COMPACT_ATOMS: atom_id res chain seq x y z
N SER A 1 -8.07 -22.66 -1.46
CA SER A 1 -8.22 -21.34 -0.79
C SER A 1 -9.66 -20.83 -0.90
N HIS A 2 -10.16 -20.28 0.21
CA HIS A 2 -11.49 -19.67 0.24
C HIS A 2 -11.50 -18.44 1.14
N SER A 3 -12.34 -17.46 0.80
CA SER A 3 -12.39 -16.20 1.53
C SER A 3 -13.80 -15.65 1.67
N LEU A 4 -14.06 -15.02 2.82
CA LEU A 4 -15.30 -14.27 3.06
C LEU A 4 -14.99 -12.78 3.27
N LYS A 5 -14.68 -12.13 2.16
CA LYS A 5 -14.32 -10.72 2.14
C LYS A 5 -15.58 -9.86 2.11
N TYR A 6 -15.65 -8.85 2.97
CA TYR A 6 -16.72 -7.84 2.91
C TYR A 6 -16.13 -6.50 2.51
N PHE A 7 -16.98 -5.65 1.94
CA PHE A 7 -16.55 -4.33 1.46
C PHE A 7 -17.56 -3.22 1.76
N HIS A 8 -17.12 -2.25 2.56
CA HIS A 8 -17.96 -1.16 3.01
C HIS A 8 -17.45 0.18 2.47
N THR A 9 -18.39 0.97 1.92
CA THR A 9 -18.09 2.27 1.35
C THR A 9 -19.08 3.32 1.82
N SER A 10 -18.56 4.42 2.35
CA SER A 10 -19.42 5.51 2.79
C SER A 10 -18.99 6.80 2.13
N VAL A 11 -19.96 7.51 1.54
CA VAL A 11 -19.69 8.76 0.84
C VAL A 11 -20.54 9.89 1.41
N SER A 12 -19.87 10.91 1.95
CA SER A 12 -20.54 12.03 2.61
C SER A 12 -21.12 13.00 1.60
N ARG A 13 -22.41 13.32 1.77
CA ARG A 13 -23.13 14.27 0.90
C ARG A 13 -23.61 15.44 1.72
N PRO A 14 -22.89 16.56 1.64
CA PRO A 14 -23.27 17.77 2.37
C PRO A 14 -24.70 18.24 2.09
N GLY A 15 -25.17 18.10 0.84
CA GLY A 15 -26.48 18.62 0.41
C GLY A 15 -27.66 17.77 0.82
N ARG A 16 -27.40 16.48 0.98
CA ARG A 16 -28.32 15.57 1.65
C ARG A 16 -28.03 15.64 3.14
N GLY A 17 -28.56 14.66 3.88
CA GLY A 17 -28.20 14.45 5.28
C GLY A 17 -27.37 13.19 5.36
N GLU A 18 -28.04 12.05 5.41
CA GLU A 18 -27.35 10.79 5.52
C GLU A 18 -26.35 10.62 4.35
N PRO A 19 -25.12 10.16 4.66
CA PRO A 19 -24.17 9.76 3.63
C PRO A 19 -24.51 8.41 2.99
N ARG A 20 -24.16 8.27 1.71
CA ARG A 20 -24.40 7.01 0.98
C ARG A 20 -23.52 5.90 1.54
N PHE A 21 -24.16 4.81 1.96
CA PHE A 21 -23.48 3.68 2.57
C PHE A 21 -23.80 2.40 1.83
N ILE A 22 -22.77 1.70 1.36
CA ILE A 22 -22.94 0.51 0.51
C ILE A 22 -22.07 -0.64 0.99
N SER A 23 -22.68 -1.83 1.09
CA SER A 23 -21.98 -3.04 1.54
C SER A 23 -22.12 -4.17 0.52
N VAL A 24 -21.04 -4.94 0.36
CA VAL A 24 -21.06 -6.13 -0.46
C VAL A 24 -20.16 -7.21 0.14
N GLY A 25 -20.76 -8.37 0.36
CA GLY A 25 -20.05 -9.56 0.86
C GLY A 25 -19.68 -10.57 -0.23
N TYR A 26 -18.46 -11.08 -0.17
CA TYR A 26 -17.90 -11.90 -1.23
C TYR A 26 -17.44 -13.26 -0.72
N VAL A 27 -18.04 -14.32 -1.25
CA VAL A 27 -17.54 -15.68 -1.08
C VAL A 27 -16.66 -15.96 -2.28
N ASP A 28 -15.38 -16.18 -2.00
CA ASP A 28 -14.38 -16.30 -3.05
C ASP A 28 -14.54 -15.13 -4.03
N ASP A 29 -15.18 -15.38 -5.17
CA ASP A 29 -15.38 -14.36 -6.19
C ASP A 29 -16.84 -14.27 -6.63
N THR A 30 -17.74 -14.45 -5.66
CA THR A 30 -19.15 -14.14 -5.89
C THR A 30 -19.69 -13.17 -4.85
N GLN A 31 -20.10 -12.01 -5.34
CA GLN A 31 -20.93 -11.09 -4.57
C GLN A 31 -22.27 -11.79 -4.40
N PHE A 32 -22.64 -12.06 -3.16
CA PHE A 32 -23.89 -12.75 -2.89
C PHE A 32 -24.90 -11.85 -2.18
N VAL A 33 -24.44 -11.01 -1.26
CA VAL A 33 -25.31 -10.06 -0.56
C VAL A 33 -24.82 -8.63 -0.73
N ARG A 34 -25.75 -7.68 -0.74
CA ARG A 34 -25.39 -6.27 -0.79
C ARG A 34 -26.23 -5.47 0.20
N PHE A 35 -25.90 -4.19 0.35
CA PHE A 35 -26.72 -3.27 1.14
C PHE A 35 -26.56 -1.87 0.61
N ASP A 36 -27.68 -1.15 0.56
CA ASP A 36 -27.72 0.23 0.06
C ASP A 36 -28.85 0.98 0.74
N ASN A 37 -28.52 2.11 1.36
CA ASN A 37 -29.54 2.98 1.94
C ASN A 37 -30.21 3.93 0.93
N ASP A 38 -29.79 3.86 -0.33
CA ASP A 38 -30.40 4.67 -1.40
C ASP A 38 -31.57 3.99 -2.13
N ALA A 39 -31.60 2.66 -2.12
CA ALA A 39 -32.67 1.91 -2.77
C ALA A 39 -34.02 2.06 -2.03
N ALA A 40 -35.06 1.46 -2.63
CA ALA A 40 -36.38 1.33 -1.97
C ALA A 40 -36.40 0.11 -1.03
N SER A 41 -35.21 -0.45 -0.75
CA SER A 41 -35.02 -1.49 0.27
C SER A 41 -33.73 -1.19 1.11
N PRO A 42 -33.85 -0.34 2.19
CA PRO A 42 -32.75 -0.10 3.17
C PRO A 42 -32.50 -1.29 4.11
N ARG A 43 -32.57 -2.50 3.54
CA ARG A 43 -32.30 -3.74 4.22
C ARG A 43 -31.27 -4.50 3.41
N MET A 44 -30.68 -5.50 4.04
CA MET A 44 -29.72 -6.39 3.39
C MET A 44 -30.49 -7.29 2.41
N VAL A 45 -30.02 -7.37 1.15
CA VAL A 45 -30.67 -8.22 0.12
C VAL A 45 -29.72 -9.26 -0.46
N PRO A 46 -30.28 -10.37 -0.96
CA PRO A 46 -29.50 -11.37 -1.68
C PRO A 46 -29.31 -11.04 -3.16
N ARG A 47 -28.16 -11.43 -3.69
CA ARG A 47 -27.83 -11.33 -5.12
C ARG A 47 -27.76 -12.72 -5.73
N ALA A 48 -26.96 -13.58 -5.11
CA ALA A 48 -26.76 -14.95 -5.55
C ALA A 48 -27.96 -15.84 -5.20
N PRO A 49 -28.58 -16.46 -6.21
CA PRO A 49 -29.78 -17.29 -6.04
C PRO A 49 -29.76 -18.27 -4.87
N TRP A 50 -28.59 -18.56 -4.31
CA TRP A 50 -28.48 -19.55 -3.22
C TRP A 50 -28.61 -18.94 -1.82
N MET A 51 -29.12 -17.71 -1.75
CA MET A 51 -29.50 -17.10 -0.48
C MET A 51 -31.01 -16.90 -0.41
N GLU A 52 -31.71 -17.23 -1.50
CA GLU A 52 -33.14 -16.92 -1.67
C GLU A 52 -34.03 -17.58 -0.60
N GLN A 53 -33.67 -18.80 -0.20
CA GLN A 53 -34.45 -19.56 0.79
C GLN A 53 -34.09 -19.25 2.25
N GLU A 54 -33.20 -18.28 2.48
CA GLU A 54 -32.85 -17.86 3.85
C GLU A 54 -33.91 -16.96 4.45
N GLY A 55 -34.30 -17.27 5.69
CA GLY A 55 -35.44 -16.62 6.35
C GLY A 55 -35.18 -15.25 6.97
N SER A 56 -36.17 -14.77 7.72
CA SER A 56 -36.10 -13.45 8.38
C SER A 56 -34.97 -13.39 9.40
N GLU A 57 -34.98 -14.32 10.35
CA GLU A 57 -33.97 -14.45 11.41
C GLU A 57 -32.61 -13.92 10.97
N TYR A 58 -32.12 -14.41 9.83
CA TYR A 58 -30.81 -14.05 9.30
C TYR A 58 -30.72 -12.60 8.82
N TRP A 59 -31.69 -12.20 7.99
CA TRP A 59 -31.66 -10.89 7.33
C TRP A 59 -31.77 -9.73 8.34
N ASP A 60 -32.75 -9.82 9.23
CA ASP A 60 -32.90 -8.83 10.30
C ASP A 60 -31.55 -8.63 11.03
N ARG A 61 -30.89 -9.75 11.36
CA ARG A 61 -29.63 -9.72 12.13
C ARG A 61 -28.45 -9.15 11.34
N GLU A 62 -28.53 -9.18 10.01
CA GLU A 62 -27.49 -8.59 9.17
C GLU A 62 -27.79 -7.15 8.81
N THR A 63 -29.06 -6.83 8.62
CA THR A 63 -29.49 -5.46 8.44
C THR A 63 -29.16 -4.66 9.70
N ARG A 64 -29.36 -5.31 10.85
CA ARG A 64 -29.02 -4.74 12.15
C ARG A 64 -27.60 -4.19 12.18
N SER A 65 -26.68 -4.92 11.59
CA SER A 65 -25.29 -4.46 11.52
C SER A 65 -25.10 -3.37 10.46
N ALA A 66 -25.53 -3.65 9.22
CA ALA A 66 -25.42 -2.70 8.13
C ALA A 66 -25.89 -1.31 8.57
N ARG A 67 -27.17 -1.22 8.94
CA ARG A 67 -27.75 0.05 9.40
C ARG A 67 -26.86 0.70 10.47
N ASP A 68 -26.53 -0.07 11.51
CA ASP A 68 -25.71 0.42 12.60
C ASP A 68 -24.35 0.84 12.10
N THR A 69 -23.79 0.08 11.18
CA THR A 69 -22.48 0.40 10.65
C THR A 69 -22.50 1.77 9.98
N ALA A 70 -23.59 2.10 9.27
CA ALA A 70 -23.74 3.40 8.58
C ALA A 70 -23.75 4.58 9.54
N GLN A 71 -24.45 4.40 10.65
CA GLN A 71 -24.55 5.40 11.71
C GLN A 71 -23.18 5.63 12.36
N ILE A 72 -22.46 4.54 12.66
CA ILE A 72 -21.12 4.67 13.25
C ILE A 72 -20.18 5.34 12.26
N PHE A 73 -20.35 5.02 10.99
CA PHE A 73 -19.54 5.62 9.93
C PHE A 73 -19.93 7.06 9.64
N ARG A 74 -21.22 7.37 9.71
CA ARG A 74 -21.61 8.77 9.63
C ARG A 74 -20.72 9.58 10.56
N VAL A 75 -20.64 9.15 11.81
CA VAL A 75 -19.91 9.88 12.85
C VAL A 75 -18.41 9.99 12.57
N ASN A 76 -17.81 8.93 12.04
CA ASN A 76 -16.39 8.97 11.67
C ASN A 76 -16.14 9.98 10.56
N LEU A 77 -16.98 9.95 9.55
CA LEU A 77 -16.92 10.91 8.43
C LEU A 77 -16.99 12.37 8.89
N ARG A 78 -17.43 12.57 10.13
CA ARG A 78 -17.49 13.89 10.78
C ARG A 78 -16.29 14.04 11.73
N THR A 79 -15.98 12.96 12.47
CA THR A 79 -14.85 12.92 13.40
C THR A 79 -13.54 13.06 12.64
N LEU A 80 -13.44 12.35 11.52
CA LEU A 80 -12.27 12.41 10.65
C LEU A 80 -12.08 13.81 10.03
N ARG A 81 -13.18 14.42 9.61
CA ARG A 81 -13.12 15.76 9.03
C ARG A 81 -12.55 16.78 10.02
N GLY A 82 -12.74 16.50 11.31
CA GLY A 82 -12.13 17.28 12.38
C GLY A 82 -10.61 17.16 12.40
N TYR A 83 -10.13 15.92 12.51
CA TYR A 83 -8.70 15.64 12.53
C TYR A 83 -8.00 16.38 11.40
N TYR A 84 -8.54 16.25 10.19
CA TYR A 84 -7.91 16.82 9.00
C TYR A 84 -8.20 18.32 8.81
N ASN A 85 -8.91 18.93 9.76
CA ASN A 85 -9.32 20.35 9.68
C ASN A 85 -9.88 20.74 8.32
N GLN A 86 -10.68 19.83 7.75
CA GLN A 86 -11.18 19.97 6.38
C GLN A 86 -12.51 20.74 6.30
N SER A 87 -12.67 21.44 5.17
CA SER A 87 -13.88 22.20 4.86
C SER A 87 -15.12 21.28 4.93
N GLU A 88 -16.17 21.79 5.58
CA GLU A 88 -17.38 21.01 5.89
C GLU A 88 -18.22 20.67 4.64
N ALA A 89 -18.00 21.41 3.55
CA ALA A 89 -18.74 21.27 2.29
C ALA A 89 -18.00 20.43 1.27
N GLY A 90 -17.10 19.57 1.74
CA GLY A 90 -16.34 18.67 0.87
C GLY A 90 -16.88 17.26 0.89
N SER A 91 -16.81 16.59 -0.26
CA SER A 91 -17.19 15.17 -0.33
C SER A 91 -16.01 14.34 0.13
N HIS A 92 -16.28 13.31 0.92
CA HIS A 92 -15.21 12.45 1.43
C HIS A 92 -15.63 10.97 1.44
N THR A 93 -14.64 10.09 1.41
CA THR A 93 -14.91 8.66 1.36
C THR A 93 -14.17 7.94 2.49
N LEU A 94 -14.91 7.16 3.26
CA LEU A 94 -14.33 6.27 4.26
C LEU A 94 -14.71 4.85 3.91
N GLN A 95 -13.70 3.98 3.74
CA GLN A 95 -13.89 2.58 3.29
C GLN A 95 -13.37 1.57 4.31
N TRP A 96 -14.18 0.57 4.61
CA TRP A 96 -13.79 -0.48 5.52
C TRP A 96 -13.83 -1.81 4.79
N MET A 97 -12.75 -2.56 4.94
CA MET A 97 -12.54 -3.86 4.27
C MET A 97 -11.97 -4.88 5.26
N HIS A 98 -12.63 -6.03 5.36
CA HIS A 98 -12.17 -7.10 6.25
C HIS A 98 -12.37 -8.46 5.64
N GLY A 99 -11.47 -9.39 5.96
CA GLY A 99 -11.51 -10.71 5.36
C GLY A 99 -10.76 -11.79 6.10
N CYS A 100 -11.32 -13.00 6.03
CA CYS A 100 -10.76 -14.20 6.63
C CYS A 100 -10.52 -15.21 5.52
N GLU A 101 -9.45 -15.98 5.65
CA GLU A 101 -9.06 -16.93 4.60
C GLU A 101 -8.86 -18.33 5.16
N LEU A 102 -9.36 -19.32 4.43
CA LEU A 102 -9.08 -20.72 4.73
C LEU A 102 -7.92 -21.20 3.85
N GLY A 103 -7.40 -22.40 4.14
CA GLY A 103 -6.26 -22.96 3.42
C GLY A 103 -6.46 -24.39 2.95
N PRO A 104 -5.34 -25.12 2.78
CA PRO A 104 -5.38 -26.53 2.40
C PRO A 104 -6.09 -27.41 3.45
N ASP A 105 -5.70 -27.25 4.71
CA ASP A 105 -6.33 -27.95 5.84
C ASP A 105 -7.83 -27.63 5.94
N ARG A 106 -8.20 -26.46 5.42
CA ARG A 106 -9.59 -25.98 5.32
C ARG A 106 -10.04 -25.16 6.56
N ARG A 107 -9.18 -25.05 7.57
CA ARG A 107 -9.41 -24.14 8.70
C ARG A 107 -8.63 -22.83 8.50
N PHE A 108 -8.88 -21.86 9.38
CA PHE A 108 -8.25 -20.53 9.33
C PHE A 108 -6.78 -20.57 8.89
N LEU A 109 -6.49 -19.84 7.81
CA LEU A 109 -5.15 -19.76 7.23
C LEU A 109 -4.49 -18.44 7.63
N ARG A 110 -5.23 -17.35 7.45
CA ARG A 110 -4.81 -16.02 7.84
C ARG A 110 -6.00 -15.05 7.85
N GLY A 111 -5.85 -13.93 8.53
CA GLY A 111 -6.89 -12.91 8.56
C GLY A 111 -6.34 -11.55 8.21
N TYR A 112 -7.23 -10.58 8.00
CA TYR A 112 -6.84 -9.18 7.81
C TYR A 112 -7.99 -8.25 8.04
N GLU A 113 -7.66 -6.96 8.17
CA GLU A 113 -8.65 -5.86 8.28
C GLU A 113 -7.98 -4.49 8.18
N GLN A 114 -8.57 -3.57 7.41
CA GLN A 114 -8.07 -2.18 7.37
C GLN A 114 -9.08 -1.12 6.94
N PHE A 115 -8.87 0.09 7.42
CA PHE A 115 -9.68 1.28 7.05
C PHE A 115 -8.87 2.18 6.12
N ALA A 116 -9.58 3.08 5.42
CA ALA A 116 -8.94 4.06 4.53
C ALA A 116 -9.78 5.33 4.32
N TYR A 117 -9.11 6.48 4.45
CA TYR A 117 -9.76 7.79 4.28
C TYR A 117 -9.35 8.38 2.95
N ASP A 118 -10.30 8.41 2.03
CA ASP A 118 -10.09 9.01 0.73
C ASP A 118 -8.82 8.46 0.07
N GLY A 119 -8.86 7.17 -0.26
CA GLY A 119 -7.85 6.57 -1.12
C GLY A 119 -6.52 6.31 -0.46
N LYS A 120 -6.34 6.87 0.73
CA LYS A 120 -5.15 6.70 1.53
C LYS A 120 -5.48 5.81 2.73
N ASP A 121 -4.75 4.71 2.86
CA ASP A 121 -4.96 3.77 3.93
C ASP A 121 -4.96 4.59 5.22
N TYR A 122 -5.92 4.36 6.11
CA TYR A 122 -5.99 5.10 7.37
C TYR A 122 -5.56 4.25 8.56
N LEU A 123 -6.23 3.12 8.76
CA LEU A 123 -5.85 2.20 9.83
C LEU A 123 -5.76 0.80 9.29
N THR A 124 -5.03 -0.05 10.01
CA THR A 124 -4.80 -1.42 9.59
C THR A 124 -4.56 -2.35 10.77
N LEU A 125 -5.38 -3.40 10.86
CA LEU A 125 -5.24 -4.40 11.90
C LEU A 125 -4.04 -5.27 11.58
N ASN A 126 -3.11 -5.35 12.54
CA ASN A 126 -1.88 -6.09 12.34
C ASN A 126 -2.07 -7.57 12.02
N GLU A 127 -1.02 -8.14 11.45
CA GLU A 127 -0.96 -9.56 11.09
C GLU A 127 -1.31 -10.45 12.29
N ASP A 128 -0.92 -10.01 13.49
CA ASP A 128 -1.19 -10.75 14.74
C ASP A 128 -2.60 -10.47 15.33
N LEU A 129 -3.41 -9.66 14.64
CA LEU A 129 -4.80 -9.42 15.01
C LEU A 129 -5.03 -9.13 16.50
N ARG A 130 -4.11 -8.39 17.11
CA ARG A 130 -4.23 -8.02 18.53
C ARG A 130 -4.05 -6.52 18.82
N SER A 131 -3.46 -5.79 17.88
CA SER A 131 -3.22 -4.36 18.06
C SER A 131 -3.36 -3.61 16.73
N TRP A 132 -4.01 -2.43 16.78
CA TRP A 132 -4.17 -1.60 15.59
C TRP A 132 -2.94 -0.75 15.33
N THR A 133 -2.71 -0.44 14.05
CA THR A 133 -1.56 0.32 13.60
C THR A 133 -2.01 1.54 12.81
N ALA A 134 -1.46 2.70 13.18
CA ALA A 134 -1.74 3.96 12.51
C ALA A 134 -0.97 4.05 11.22
N VAL A 135 -1.67 4.31 10.12
CA VAL A 135 -1.02 4.41 8.83
C VAL A 135 -0.53 5.84 8.63
N ASP A 136 -1.46 6.75 8.36
CA ASP A 136 -1.15 8.16 8.17
C ASP A 136 -0.68 8.75 9.49
N THR A 137 0.26 9.70 9.40
CA THR A 137 0.86 10.35 10.59
C THR A 137 -0.17 11.18 11.39
N ALA A 138 -1.41 11.24 10.88
CA ALA A 138 -2.56 11.82 11.59
C ALA A 138 -3.58 10.77 12.07
N ALA A 139 -3.24 9.49 11.92
CA ALA A 139 -4.13 8.41 12.32
C ALA A 139 -3.87 8.00 13.76
N GLN A 140 -2.71 8.40 14.27
CA GLN A 140 -2.25 7.98 15.60
C GLN A 140 -3.35 8.09 16.65
N ILE A 141 -4.22 9.09 16.49
CA ILE A 141 -5.31 9.32 17.44
C ILE A 141 -6.26 8.13 17.39
N SER A 142 -6.78 7.85 16.20
CA SER A 142 -7.72 6.75 15.99
C SER A 142 -7.08 5.40 16.36
N GLU A 143 -5.76 5.29 16.17
CA GLU A 143 -5.03 4.13 16.67
C GLU A 143 -5.27 4.04 18.17
N GLN A 144 -4.75 5.03 18.91
CA GLN A 144 -4.73 4.97 20.38
C GLN A 144 -6.12 5.09 21.01
N LYS A 145 -7.11 5.49 20.22
CA LYS A 145 -8.48 5.47 20.69
C LYS A 145 -9.01 4.04 20.71
N SER A 146 -8.45 3.20 19.85
CA SER A 146 -8.92 1.84 19.67
C SER A 146 -8.04 0.80 20.38
N ASN A 147 -6.73 1.04 20.37
CA ASN A 147 -5.78 0.21 21.13
C ASN A 147 -6.13 0.21 22.62
N ASP A 148 -6.49 1.39 23.14
CA ASP A 148 -6.79 1.56 24.56
C ASP A 148 -8.12 0.90 24.97
N ALA A 149 -9.13 0.98 24.10
CA ALA A 149 -10.44 0.40 24.39
C ALA A 149 -10.64 -0.96 23.71
N SER A 150 -9.62 -1.83 23.82
CA SER A 150 -9.66 -3.25 23.40
C SER A 150 -10.70 -3.60 22.34
N GLU A 151 -10.49 -3.14 21.11
CA GLU A 151 -11.41 -3.49 20.05
C GLU A 151 -10.84 -4.61 19.19
N ALA A 152 -9.51 -4.68 19.13
CA ALA A 152 -8.82 -5.72 18.36
C ALA A 152 -9.33 -7.10 18.74
N GLU A 153 -9.47 -7.31 20.05
CA GLU A 153 -9.97 -8.56 20.62
C GLU A 153 -11.28 -9.02 19.96
N HIS A 154 -12.19 -8.07 19.72
CA HIS A 154 -13.49 -8.35 19.10
C HIS A 154 -13.37 -8.70 17.62
N GLN A 155 -12.34 -8.18 16.97
CA GLN A 155 -12.06 -8.49 15.56
C GLN A 155 -11.33 -9.83 15.45
N ARG A 156 -10.33 -10.02 16.32
CA ARG A 156 -9.69 -11.32 16.49
C ARG A 156 -10.76 -12.39 16.64
N ALA A 157 -11.88 -12.01 17.27
CA ALA A 157 -13.02 -12.91 17.42
C ALA A 157 -13.73 -13.18 16.09
N TYR A 158 -14.15 -12.11 15.41
CA TYR A 158 -14.88 -12.27 14.16
C TYR A 158 -14.07 -13.00 13.12
N LEU A 159 -12.81 -12.59 12.98
CA LEU A 159 -11.94 -13.12 11.94
C LEU A 159 -11.62 -14.62 12.13
N GLU A 160 -11.10 -14.98 13.31
CA GLU A 160 -10.71 -16.37 13.59
C GLU A 160 -11.89 -17.31 13.88
N ASP A 161 -13.07 -16.76 14.12
CA ASP A 161 -14.20 -17.59 14.55
C ASP A 161 -15.48 -17.38 13.73
N THR A 162 -16.03 -16.17 13.74
CA THR A 162 -17.33 -15.91 13.10
C THR A 162 -17.26 -15.98 11.58
N CYS A 163 -16.33 -15.22 11.02
CA CYS A 163 -16.10 -15.20 9.58
C CYS A 163 -15.82 -16.61 9.10
N VAL A 164 -14.86 -17.26 9.75
CA VAL A 164 -14.49 -18.64 9.47
C VAL A 164 -15.70 -19.57 9.37
N GLU A 165 -16.54 -19.51 10.40
CA GLU A 165 -17.71 -20.39 10.49
C GLU A 165 -18.69 -20.19 9.34
N TRP A 166 -18.98 -18.92 9.02
CA TRP A 166 -20.00 -18.63 8.01
C TRP A 166 -19.54 -18.92 6.57
N LEU A 167 -18.24 -18.80 6.32
CA LEU A 167 -17.69 -19.23 5.04
C LEU A 167 -18.13 -20.66 4.80
N HIS A 168 -17.87 -21.51 5.79
CA HIS A 168 -18.28 -22.92 5.74
C HIS A 168 -19.80 -23.11 5.67
N LYS A 169 -20.56 -22.23 6.34
CA LYS A 169 -22.02 -22.27 6.27
C LYS A 169 -22.53 -21.79 4.92
N TYR A 170 -21.80 -20.90 4.25
CA TYR A 170 -22.19 -20.41 2.94
C TYR A 170 -21.82 -21.40 1.84
N LEU A 171 -20.63 -21.97 1.94
CA LEU A 171 -20.14 -22.90 0.93
C LEU A 171 -21.00 -24.17 0.84
N GLU A 172 -21.51 -24.66 1.98
CA GLU A 172 -22.46 -25.78 2.00
C GLU A 172 -23.79 -25.43 1.31
N LYS A 173 -24.13 -24.14 1.27
CA LYS A 173 -25.38 -23.67 0.66
C LYS A 173 -25.22 -23.40 -0.84
N GLY A 174 -24.02 -23.00 -1.25
CA GLY A 174 -23.68 -22.80 -2.66
C GLY A 174 -22.70 -23.84 -3.20
N LYS A 175 -22.74 -25.02 -2.58
CA LYS A 175 -21.80 -26.12 -2.86
C LYS A 175 -21.69 -26.39 -4.36
N GLU A 176 -22.84 -26.67 -4.96
CA GLU A 176 -22.99 -27.08 -6.37
C GLU A 176 -22.54 -26.06 -7.44
N THR A 177 -22.20 -24.84 -7.02
CA THR A 177 -21.76 -23.79 -7.96
C THR A 177 -20.48 -23.04 -7.55
N LEU A 178 -20.30 -22.80 -6.25
CA LEU A 178 -19.11 -22.09 -5.77
C LEU A 178 -17.86 -22.95 -5.87
N LEU A 179 -18.01 -24.23 -5.58
CA LEU A 179 -16.90 -25.18 -5.66
C LEU A 179 -16.78 -25.84 -7.04
N HIS A 180 -17.57 -25.37 -8.01
CA HIS A 180 -17.58 -25.95 -9.36
C HIS A 180 -16.55 -25.20 -10.20
N LEU A 181 -15.34 -25.77 -10.24
CA LEU A 181 -14.24 -25.22 -11.03
C LEU A 181 -14.66 -25.21 -12.49
N GLU A 182 -14.49 -24.06 -13.14
CA GLU A 182 -14.84 -23.91 -14.54
C GLU A 182 -13.56 -23.70 -15.35
N PRO A 183 -13.34 -24.53 -16.36
CA PRO A 183 -12.17 -24.37 -17.20
C PRO A 183 -12.37 -23.27 -18.23
N PRO A 184 -11.29 -22.52 -18.57
CA PRO A 184 -11.34 -21.47 -19.59
C PRO A 184 -11.33 -21.98 -21.04
N LYS A 185 -12.26 -21.49 -21.86
CA LYS A 185 -12.36 -21.89 -23.28
C LYS A 185 -11.34 -21.14 -24.13
N THR A 186 -10.26 -21.84 -24.44
CA THR A 186 -9.07 -21.19 -24.95
C THR A 186 -8.92 -21.32 -26.45
N HIS A 187 -8.69 -20.19 -27.12
CA HIS A 187 -8.35 -20.16 -28.55
C HIS A 187 -7.53 -18.91 -28.90
N VAL A 188 -6.81 -18.98 -30.03
CA VAL A 188 -5.97 -17.86 -30.50
C VAL A 188 -6.63 -17.17 -31.71
N THR A 189 -6.64 -15.84 -31.68
CA THR A 189 -7.21 -15.03 -32.76
C THR A 189 -6.11 -14.28 -33.51
N HIS A 190 -6.17 -14.29 -34.84
CA HIS A 190 -5.16 -13.65 -35.68
C HIS A 190 -5.63 -12.26 -36.11
N HIS A 191 -4.73 -11.28 -36.01
CA HIS A 191 -5.00 -9.91 -36.47
C HIS A 191 -3.76 -9.27 -37.10
N PRO A 192 -3.85 -8.87 -38.37
CA PRO A 192 -2.73 -8.21 -39.03
C PRO A 192 -2.68 -6.71 -38.71
N ILE A 193 -1.49 -6.12 -38.85
CA ILE A 193 -1.30 -4.67 -38.65
C ILE A 193 -0.87 -4.02 -39.95
N SER A 194 0.25 -4.49 -40.50
CA SER A 194 0.74 -4.07 -41.82
C SER A 194 1.11 -5.31 -42.64
N ASP A 195 2.18 -5.23 -43.43
CA ASP A 195 2.69 -6.38 -44.17
C ASP A 195 3.80 -7.11 -43.41
N HIS A 196 4.54 -6.35 -42.58
CA HIS A 196 5.68 -6.91 -41.84
C HIS A 196 5.36 -7.25 -40.38
N GLU A 197 4.23 -6.78 -39.87
CA GLU A 197 3.83 -7.00 -38.46
C GLU A 197 2.35 -7.40 -38.28
N ALA A 198 2.10 -8.21 -37.25
CA ALA A 198 0.76 -8.70 -36.92
C ALA A 198 0.66 -9.02 -35.42
N THR A 199 -0.57 -9.00 -34.89
CA THR A 199 -0.82 -9.23 -33.46
C THR A 199 -1.51 -10.56 -33.21
N LEU A 200 -0.89 -11.42 -32.40
CA LEU A 200 -1.52 -12.65 -31.97
C LEU A 200 -2.02 -12.53 -30.55
N ARG A 201 -3.33 -12.70 -30.38
CA ARG A 201 -4.01 -12.50 -29.11
C ARG A 201 -4.59 -13.81 -28.59
N CYS A 202 -4.15 -14.22 -27.39
CA CYS A 202 -4.54 -15.49 -26.79
C CYS A 202 -5.74 -15.31 -25.87
N TRP A 203 -6.82 -16.04 -26.15
CA TRP A 203 -8.08 -15.82 -25.46
C TRP A 203 -8.35 -16.82 -24.33
N ALA A 204 -8.90 -16.30 -23.24
CA ALA A 204 -9.37 -17.09 -22.11
C ALA A 204 -10.84 -16.76 -21.92
N LEU A 205 -11.69 -17.77 -21.79
CA LEU A 205 -13.13 -17.53 -21.72
C LEU A 205 -13.89 -18.37 -20.68
N GLY A 206 -14.48 -17.66 -19.72
CA GLY A 206 -15.43 -18.23 -18.76
C GLY A 206 -14.84 -19.22 -17.79
N PHE A 207 -14.15 -18.71 -16.77
CA PHE A 207 -13.52 -19.54 -15.73
C PHE A 207 -13.85 -18.95 -14.37
N TYR A 208 -14.23 -19.79 -13.40
CA TYR A 208 -14.82 -19.27 -12.16
C TYR A 208 -13.86 -18.85 -11.05
N PRO A 209 -12.83 -19.65 -10.77
CA PRO A 209 -11.79 -19.03 -9.93
C PRO A 209 -11.16 -17.89 -10.71
N ALA A 210 -11.10 -16.70 -10.13
CA ALA A 210 -10.72 -15.49 -10.88
C ALA A 210 -9.23 -15.40 -11.19
N GLU A 211 -8.41 -15.80 -10.21
CA GLU A 211 -6.95 -15.83 -10.35
C GLU A 211 -6.51 -16.69 -11.55
N ILE A 212 -5.87 -16.06 -12.52
CA ILE A 212 -5.29 -16.78 -13.66
C ILE A 212 -3.97 -16.13 -14.06
N THR A 213 -3.20 -16.82 -14.89
CA THR A 213 -1.90 -16.33 -15.35
C THR A 213 -1.61 -16.80 -16.79
N LEU A 214 -1.79 -15.89 -17.75
CA LEU A 214 -1.52 -16.17 -19.16
C LEU A 214 -0.09 -15.78 -19.53
N THR A 215 0.54 -16.56 -20.40
CA THR A 215 1.91 -16.30 -20.81
C THR A 215 2.12 -16.44 -22.31
N TRP A 216 3.07 -15.66 -22.83
CA TRP A 216 3.58 -15.82 -24.19
C TRP A 216 5.04 -16.29 -24.14
N GLN A 217 5.32 -17.40 -24.81
CA GLN A 217 6.68 -17.95 -24.87
C GLN A 217 7.02 -18.50 -26.25
N GLN A 218 8.19 -18.14 -26.76
CA GLN A 218 8.66 -18.60 -28.06
C GLN A 218 9.37 -19.94 -27.98
N ASP A 219 9.07 -20.79 -28.96
CA ASP A 219 9.67 -22.12 -29.14
C ASP A 219 10.70 -22.53 -28.08
N GLY A 220 10.25 -22.63 -26.83
CA GLY A 220 11.11 -23.04 -25.72
C GLY A 220 11.09 -22.08 -24.54
N GLU A 221 12.23 -21.44 -24.27
CA GLU A 221 12.43 -20.58 -23.07
C GLU A 221 11.37 -19.47 -22.91
N GLY A 222 11.07 -18.76 -24.00
CA GLY A 222 9.93 -17.84 -24.01
C GLY A 222 10.14 -16.41 -23.54
N HIS A 223 10.37 -15.53 -24.51
CA HIS A 223 10.57 -14.09 -24.25
C HIS A 223 9.24 -13.36 -24.07
N THR A 224 9.31 -12.21 -23.39
CA THR A 224 8.15 -11.35 -23.15
C THR A 224 8.39 -9.93 -23.68
N GLN A 225 9.00 -9.84 -24.86
CA GLN A 225 9.12 -8.56 -25.57
C GLN A 225 7.81 -8.23 -26.27
N ASP A 226 7.57 -6.93 -26.47
CA ASP A 226 6.33 -6.40 -27.10
C ASP A 226 5.01 -7.15 -26.77
N THR A 227 4.90 -7.66 -25.56
CA THR A 227 3.71 -8.37 -25.11
C THR A 227 2.68 -7.34 -24.65
N GLU A 228 1.44 -7.78 -24.47
CA GLU A 228 0.38 -6.96 -23.89
C GLU A 228 -0.61 -7.82 -23.11
N LEU A 229 -1.11 -7.25 -22.02
CA LEU A 229 -2.05 -7.95 -21.14
C LEU A 229 -3.12 -6.99 -20.65
N VAL A 230 -4.29 -7.53 -20.29
CA VAL A 230 -5.44 -6.72 -19.84
C VAL A 230 -5.97 -7.14 -18.47
N GLU A 231 -6.81 -6.28 -17.92
CA GLU A 231 -7.43 -6.54 -16.63
C GLU A 231 -8.44 -7.68 -16.75
N THR A 232 -8.21 -8.73 -15.98
CA THR A 232 -9.15 -9.85 -15.87
C THR A 232 -10.54 -9.27 -15.71
N ARG A 233 -11.41 -9.49 -16.69
CA ARG A 233 -12.72 -8.87 -16.63
C ARG A 233 -13.83 -9.86 -16.34
N PRO A 234 -14.88 -9.40 -15.66
CA PRO A 234 -16.01 -10.24 -15.32
C PRO A 234 -16.91 -10.46 -16.51
N ALA A 235 -17.51 -11.64 -16.61
CA ALA A 235 -18.43 -11.93 -17.69
C ALA A 235 -19.68 -11.06 -17.58
N GLY A 236 -20.41 -11.24 -16.47
CA GLY A 236 -21.74 -10.66 -16.30
C GLY A 236 -22.72 -11.66 -15.72
N ASP A 237 -22.37 -12.94 -15.84
CA ASP A 237 -23.12 -14.07 -15.24
C ASP A 237 -22.40 -14.69 -14.05
N GLY A 238 -21.11 -14.34 -13.88
CA GLY A 238 -20.32 -14.85 -12.77
C GLY A 238 -19.19 -15.75 -13.21
N THR A 239 -18.64 -15.47 -14.40
CA THR A 239 -17.37 -16.05 -14.84
C THR A 239 -16.36 -14.93 -15.10
N PHE A 240 -15.24 -15.27 -15.73
CA PHE A 240 -14.16 -14.34 -15.99
C PHE A 240 -13.52 -14.51 -17.37
N GLN A 241 -12.99 -13.40 -17.88
CA GLN A 241 -12.27 -13.32 -19.17
C GLN A 241 -10.93 -12.65 -18.97
N LYS A 242 -10.02 -12.94 -19.91
CA LYS A 242 -8.73 -12.26 -19.97
C LYS A 242 -8.09 -12.63 -21.28
N TRP A 243 -7.48 -11.67 -21.96
CA TRP A 243 -6.67 -12.01 -23.13
C TRP A 243 -5.26 -11.47 -23.04
N ALA A 244 -4.35 -12.14 -23.74
CA ALA A 244 -2.94 -11.81 -23.77
C ALA A 244 -2.50 -11.70 -25.23
N ALA A 245 -1.85 -10.58 -25.56
CA ALA A 245 -1.46 -10.28 -26.95
C ALA A 245 0.04 -10.06 -27.10
N VAL A 246 0.50 -10.13 -28.35
CA VAL A 246 1.91 -9.95 -28.65
C VAL A 246 2.13 -9.56 -30.12
N VAL A 247 3.10 -8.66 -30.32
CA VAL A 247 3.48 -8.22 -31.67
C VAL A 247 4.46 -9.21 -32.29
N VAL A 248 4.05 -9.81 -33.41
CA VAL A 248 4.79 -10.92 -34.02
C VAL A 248 5.15 -10.60 -35.48
N PRO A 249 6.41 -10.89 -35.89
CA PRO A 249 6.87 -10.81 -37.29
C PRO A 249 6.02 -11.62 -38.30
N SER A 250 5.28 -10.90 -39.13
CA SER A 250 4.34 -11.49 -40.11
C SER A 250 5.00 -12.59 -40.91
N GLY A 251 4.30 -13.73 -41.02
CA GLY A 251 4.78 -14.86 -41.81
C GLY A 251 5.04 -16.11 -41.00
N GLU A 252 5.86 -15.97 -39.96
CA GLU A 252 6.21 -17.11 -39.09
C GLU A 252 5.76 -16.86 -37.65
N GLU A 253 4.47 -17.12 -37.45
CA GLU A 253 3.77 -16.92 -36.18
C GLU A 253 3.85 -18.14 -35.27
N GLN A 254 4.06 -19.32 -35.88
CA GLN A 254 4.19 -20.58 -35.13
C GLN A 254 5.36 -20.54 -34.14
N ARG A 255 6.37 -19.72 -34.44
CA ARG A 255 7.52 -19.50 -33.56
C ARG A 255 7.11 -19.12 -32.13
N TYR A 256 5.94 -18.48 -31.99
CA TYR A 256 5.42 -18.05 -30.69
C TYR A 256 4.25 -18.93 -30.21
N THR A 257 4.35 -19.39 -28.96
CA THR A 257 3.36 -20.31 -28.38
C THR A 257 2.77 -19.78 -27.07
N CYS A 258 1.52 -20.14 -26.82
CA CYS A 258 0.74 -19.62 -25.69
C CYS A 258 0.52 -20.68 -24.61
N HIS A 259 0.64 -20.27 -23.35
CA HIS A 259 0.39 -21.15 -22.21
C HIS A 259 -0.63 -20.53 -21.25
N VAL A 260 -1.52 -21.38 -20.73
CA VAL A 260 -2.57 -20.97 -19.78
C VAL A 260 -2.37 -21.66 -18.42
N GLN A 261 -2.09 -20.89 -17.38
CA GLN A 261 -1.95 -21.43 -16.02
C GLN A 261 -3.20 -21.12 -15.18
N HIS A 262 -4.05 -22.14 -14.98
CA HIS A 262 -5.31 -21.98 -14.23
C HIS A 262 -5.46 -23.05 -13.14
N GLU A 263 -6.24 -22.71 -12.11
CA GLU A 263 -6.49 -23.64 -11.00
C GLU A 263 -7.39 -24.82 -11.39
N GLY A 264 -8.44 -24.52 -12.15
CA GLY A 264 -9.45 -25.52 -12.55
C GLY A 264 -8.94 -26.56 -13.53
N LEU A 265 -8.05 -26.14 -14.42
CA LEU A 265 -7.44 -27.06 -15.39
C LEU A 265 -6.48 -28.04 -14.69
N PRO A 266 -6.48 -29.31 -15.14
CA PRO A 266 -5.42 -30.19 -14.69
C PRO A 266 -4.09 -29.84 -15.35
N GLU A 267 -4.11 -29.60 -16.66
CA GLU A 267 -2.90 -29.30 -17.43
C GLU A 267 -2.82 -27.83 -17.80
N PRO A 268 -1.64 -27.21 -17.62
CA PRO A 268 -1.40 -25.88 -18.18
C PRO A 268 -1.38 -25.94 -19.71
N VAL A 269 -2.51 -25.64 -20.33
CA VAL A 269 -2.72 -25.97 -21.74
C VAL A 269 -1.82 -25.16 -22.66
N THR A 270 -1.38 -25.79 -23.75
CA THR A 270 -0.55 -25.16 -24.77
C THR A 270 -1.45 -24.71 -25.94
N LEU A 271 -1.17 -23.53 -26.51
CA LEU A 271 -1.95 -23.03 -27.65
C LEU A 271 -1.06 -22.58 -28.82
N ARG A 272 -1.51 -22.96 -30.02
CA ARG A 272 -0.69 -22.89 -31.26
C ARG A 272 -1.24 -21.88 -32.28
N TRP A 273 -2.56 -21.89 -32.47
CA TRP A 273 -3.25 -21.20 -33.57
C TRP A 273 -3.09 -21.96 -34.92
N MET B 1 -6.14 13.00 -0.14
CA MET B 1 -7.16 12.96 -1.23
C MET B 1 -6.56 12.39 -2.53
N ILE B 2 -6.71 11.09 -2.71
CA ILE B 2 -6.31 10.44 -3.95
C ILE B 2 -7.40 10.64 -4.98
N GLN B 3 -6.97 10.85 -6.22
CA GLN B 3 -7.84 10.78 -7.40
C GLN B 3 -7.26 9.78 -8.39
N ARG B 4 -7.81 8.58 -8.43
CA ARG B 4 -7.33 7.55 -9.37
C ARG B 4 -8.13 7.60 -10.67
N THR B 5 -7.48 7.24 -11.77
CA THR B 5 -8.05 7.33 -13.10
C THR B 5 -8.66 6.00 -13.55
N PRO B 6 -9.87 6.04 -14.14
CA PRO B 6 -10.63 4.84 -14.44
C PRO B 6 -10.17 4.14 -15.69
N LYS B 7 -10.06 2.82 -15.61
CA LYS B 7 -9.61 2.01 -16.73
C LYS B 7 -10.80 1.28 -17.33
N ILE B 8 -11.11 1.60 -18.58
CA ILE B 8 -12.35 1.18 -19.21
C ILE B 8 -12.13 0.01 -20.17
N GLN B 9 -12.86 -1.08 -19.95
CA GLN B 9 -12.87 -2.20 -20.88
C GLN B 9 -14.29 -2.47 -21.40
N VAL B 10 -14.44 -2.46 -22.73
CA VAL B 10 -15.75 -2.68 -23.37
C VAL B 10 -15.74 -3.97 -24.17
N TYR B 11 -16.69 -4.84 -23.88
CA TYR B 11 -16.71 -6.20 -24.44
C TYR B 11 -18.08 -6.87 -24.49
N SER B 12 -18.14 -7.95 -25.25
CA SER B 12 -19.34 -8.77 -25.36
C SER B 12 -19.18 -9.98 -24.45
N ARG B 13 -20.27 -10.32 -23.76
CA ARG B 13 -20.26 -11.38 -22.73
C ARG B 13 -19.95 -12.75 -23.31
N HIS B 14 -20.47 -13.00 -24.49
CA HIS B 14 -20.22 -14.23 -25.22
C HIS B 14 -19.55 -13.87 -26.56
N PRO B 15 -18.92 -14.84 -27.23
CA PRO B 15 -18.42 -14.61 -28.58
C PRO B 15 -19.45 -13.91 -29.48
N ALA B 16 -19.03 -12.85 -30.14
CA ALA B 16 -19.94 -11.98 -30.89
C ALA B 16 -20.55 -12.67 -32.09
N GLU B 17 -21.67 -13.35 -31.88
CA GLU B 17 -22.41 -13.99 -32.97
C GLU B 17 -23.58 -13.10 -33.38
N ASN B 18 -23.74 -12.94 -34.70
CA ASN B 18 -24.78 -12.07 -35.26
C ASN B 18 -26.17 -12.68 -35.20
N GLY B 19 -27.18 -11.83 -35.00
CA GLY B 19 -28.57 -12.26 -34.99
C GLY B 19 -29.07 -12.83 -33.67
N LYS B 20 -28.22 -13.63 -33.02
CA LYS B 20 -28.57 -14.32 -31.77
C LYS B 20 -28.33 -13.42 -30.56
N SER B 21 -29.03 -13.75 -29.46
CA SER B 21 -29.01 -12.95 -28.24
C SER B 21 -27.62 -12.87 -27.61
N ASN B 22 -27.31 -11.71 -27.03
CA ASN B 22 -26.04 -11.49 -26.34
C ASN B 22 -26.13 -10.35 -25.33
N PHE B 23 -25.11 -10.25 -24.49
CA PHE B 23 -24.99 -9.18 -23.50
C PHE B 23 -23.75 -8.31 -23.82
N LEU B 24 -23.91 -6.99 -23.67
CA LEU B 24 -22.83 -6.02 -23.88
C LEU B 24 -22.32 -5.49 -22.55
N ASN B 25 -20.99 -5.54 -22.36
CA ASN B 25 -20.39 -5.18 -21.09
C ASN B 25 -19.45 -3.97 -21.15
N CYS B 26 -19.56 -3.11 -20.14
CA CYS B 26 -18.57 -2.07 -19.86
C CYS B 26 -18.11 -2.24 -18.41
N TYR B 27 -16.81 -2.50 -18.24
CA TYR B 27 -16.23 -2.71 -16.93
C TYR B 27 -15.21 -1.61 -16.70
N VAL B 28 -15.56 -0.68 -15.83
CA VAL B 28 -14.66 0.37 -15.40
C VAL B 28 -13.98 -0.08 -14.11
N SER B 29 -12.73 0.32 -13.92
CA SER B 29 -11.90 -0.20 -12.84
C SER B 29 -10.89 0.81 -12.35
N GLY B 30 -10.35 0.57 -11.16
CA GLY B 30 -9.14 1.26 -10.67
C GLY B 30 -9.21 2.76 -10.41
N PHE B 31 -10.43 3.30 -10.34
CA PHE B 31 -10.66 4.72 -10.07
C PHE B 31 -11.08 4.86 -8.62
N HIS B 32 -10.83 6.03 -8.02
CA HIS B 32 -11.17 6.21 -6.60
C HIS B 32 -12.28 7.21 -6.28
N PRO B 33 -12.23 8.41 -6.82
CA PRO B 33 -13.41 9.19 -6.47
C PRO B 33 -14.67 8.48 -7.02
N SER B 34 -15.62 8.19 -6.13
CA SER B 34 -16.75 7.26 -6.42
C SER B 34 -17.80 7.74 -7.41
N ASP B 35 -18.02 9.05 -7.46
CA ASP B 35 -19.08 9.63 -8.27
C ASP B 35 -18.75 9.50 -9.74
N ILE B 36 -18.93 8.30 -10.28
CA ILE B 36 -18.67 8.02 -11.70
C ILE B 36 -19.99 7.87 -12.46
N GLU B 37 -19.95 8.13 -13.77
CA GLU B 37 -21.11 7.98 -14.64
C GLU B 37 -20.73 7.13 -15.86
N VAL B 38 -21.65 6.28 -16.29
CA VAL B 38 -21.41 5.35 -17.38
C VAL B 38 -22.62 5.33 -18.30
N ASP B 39 -22.37 5.27 -19.60
CA ASP B 39 -23.43 5.08 -20.59
C ASP B 39 -23.01 4.21 -21.77
N LEU B 40 -23.93 3.34 -22.19
CA LEU B 40 -23.71 2.47 -23.34
C LEU B 40 -24.51 3.00 -24.53
N LEU B 41 -23.85 3.05 -25.69
CA LEU B 41 -24.35 3.78 -26.86
C LEU B 41 -24.54 2.95 -28.13
N LYS B 42 -25.78 2.87 -28.61
CA LYS B 42 -26.09 2.27 -29.92
C LYS B 42 -26.14 3.35 -30.99
N ASN B 43 -25.14 3.36 -31.86
CA ASN B 43 -25.02 4.34 -32.94
C ASN B 43 -25.00 5.78 -32.44
N GLY B 44 -24.40 5.98 -31.26
CA GLY B 44 -24.28 7.32 -30.65
C GLY B 44 -25.42 7.71 -29.72
N GLU B 45 -26.36 6.78 -29.50
CA GLU B 45 -27.57 7.03 -28.73
C GLU B 45 -27.52 6.21 -27.44
N ARG B 46 -27.67 6.88 -26.29
CA ARG B 46 -27.61 6.16 -25.01
C ARG B 46 -28.83 5.26 -24.85
N ILE B 47 -28.59 4.03 -24.44
CA ILE B 47 -29.68 3.07 -24.23
C ILE B 47 -30.18 3.26 -22.80
N GLU B 48 -31.50 3.16 -22.61
CA GLU B 48 -32.13 3.57 -21.35
C GLU B 48 -32.02 2.53 -20.23
N LYS B 49 -32.30 1.27 -20.56
CA LYS B 49 -32.31 0.20 -19.56
C LYS B 49 -30.94 -0.43 -19.35
N VAL B 50 -30.00 0.36 -18.84
CA VAL B 50 -28.69 -0.14 -18.48
C VAL B 50 -28.68 -0.48 -16.99
N GLU B 51 -28.19 -1.68 -16.66
CA GLU B 51 -28.13 -2.16 -15.27
C GLU B 51 -26.70 -2.19 -14.77
N HIS B 52 -26.51 -1.81 -13.51
CA HIS B 52 -25.16 -1.69 -12.94
C HIS B 52 -24.94 -2.58 -11.74
N SER B 53 -23.69 -2.99 -11.56
CA SER B 53 -23.26 -3.81 -10.43
C SER B 53 -23.17 -2.96 -9.19
N ASP B 54 -23.35 -3.59 -8.04
CA ASP B 54 -23.29 -2.87 -6.77
C ASP B 54 -21.84 -2.49 -6.50
N LEU B 55 -21.62 -1.24 -6.08
CA LEU B 55 -20.25 -0.68 -5.99
C LEU B 55 -19.33 -1.45 -5.04
N SER B 56 -18.16 -1.79 -5.55
CA SER B 56 -17.19 -2.58 -4.82
C SER B 56 -15.79 -2.03 -5.09
N PHE B 57 -14.90 -2.19 -4.11
CA PHE B 57 -13.51 -1.74 -4.23
C PHE B 57 -12.53 -2.88 -4.08
N SER B 58 -11.42 -2.75 -4.77
CA SER B 58 -10.43 -3.79 -4.82
C SER B 58 -9.35 -3.56 -3.77
N LYS B 59 -8.34 -4.43 -3.77
CA LYS B 59 -7.30 -4.50 -2.75
C LYS B 59 -6.70 -3.17 -2.29
N ASP B 60 -6.84 -2.15 -3.13
CA ASP B 60 -6.14 -0.86 -2.96
C ASP B 60 -7.06 0.37 -2.80
N TRP B 61 -8.35 0.11 -2.60
CA TRP B 61 -9.38 1.15 -2.40
C TRP B 61 -9.94 1.73 -3.72
N SER B 62 -9.35 1.36 -4.84
CA SER B 62 -9.85 1.78 -6.13
C SER B 62 -11.14 1.02 -6.46
N PHE B 63 -12.09 1.73 -7.07
CA PHE B 63 -13.43 1.19 -7.35
C PHE B 63 -13.58 0.51 -8.72
N TYR B 64 -14.63 -0.31 -8.82
CA TYR B 64 -14.97 -0.97 -10.08
C TYR B 64 -16.48 -1.24 -10.22
N LEU B 65 -17.03 -0.85 -11.37
CA LEU B 65 -18.42 -1.07 -11.67
C LEU B 65 -18.60 -1.82 -12.99
N LEU B 66 -19.70 -2.54 -13.11
CA LEU B 66 -20.00 -3.27 -14.35
C LEU B 66 -21.33 -2.85 -14.93
N TYR B 67 -21.35 -2.62 -16.24
CA TYR B 67 -22.54 -2.09 -16.91
C TYR B 67 -22.95 -2.96 -18.10
N TYR B 68 -24.15 -3.53 -18.01
CA TYR B 68 -24.65 -4.47 -19.01
C TYR B 68 -26.06 -4.21 -19.54
N THR B 69 -26.36 -4.79 -20.71
CA THR B 69 -27.68 -4.75 -21.33
C THR B 69 -27.85 -5.83 -22.37
N GLU B 70 -29.09 -6.28 -22.58
CA GLU B 70 -29.38 -7.19 -23.69
C GLU B 70 -29.32 -6.40 -24.99
N PHE B 71 -28.75 -7.03 -26.02
CA PHE B 71 -28.66 -6.41 -27.35
C PHE B 71 -28.49 -7.49 -28.43
N THR B 72 -28.32 -7.05 -29.68
CA THR B 72 -28.08 -7.96 -30.80
C THR B 72 -27.09 -7.37 -31.82
N PRO B 73 -25.86 -7.91 -31.87
CA PRO B 73 -24.81 -7.33 -32.72
C PRO B 73 -25.08 -7.54 -34.21
N THR B 74 -24.65 -6.57 -35.02
CA THR B 74 -24.82 -6.67 -36.46
C THR B 74 -23.55 -6.17 -37.17
N GLU B 75 -23.49 -6.41 -38.48
CA GLU B 75 -22.36 -5.97 -39.31
C GLU B 75 -22.32 -4.44 -39.48
N LYS B 76 -23.50 -3.82 -39.57
CA LYS B 76 -23.64 -2.37 -39.77
C LYS B 76 -23.95 -1.60 -38.48
N ASP B 77 -23.81 -2.26 -37.34
CA ASP B 77 -24.02 -1.64 -36.02
C ASP B 77 -22.73 -1.64 -35.20
N GLU B 78 -22.38 -0.49 -34.67
CA GLU B 78 -21.17 -0.31 -33.88
C GLU B 78 -21.52 0.25 -32.49
N TYR B 79 -21.22 -0.54 -31.46
CA TYR B 79 -21.56 -0.22 -30.07
C TYR B 79 -20.35 0.37 -29.31
N ALA B 80 -20.63 1.26 -28.36
CA ALA B 80 -19.58 1.95 -27.61
C ALA B 80 -20.00 2.42 -26.22
N CYS B 81 -19.04 2.44 -25.30
CA CYS B 81 -19.24 2.86 -23.92
C CYS B 81 -18.63 4.23 -23.73
N ARG B 82 -19.17 4.99 -22.78
CA ARG B 82 -18.66 6.33 -22.47
C ARG B 82 -18.68 6.66 -20.98
N VAL B 83 -17.50 6.97 -20.46
CA VAL B 83 -17.29 7.22 -19.03
C VAL B 83 -16.86 8.65 -18.76
N ASN B 84 -17.64 9.35 -17.93
CA ASN B 84 -17.31 10.69 -17.50
C ASN B 84 -16.99 10.64 -16.00
N HIS B 85 -15.82 11.15 -15.63
CA HIS B 85 -15.30 11.04 -14.26
C HIS B 85 -14.54 12.30 -13.83
N VAL B 86 -14.13 12.33 -12.56
CA VAL B 86 -13.47 13.51 -12.02
C VAL B 86 -12.05 13.77 -12.51
N THR B 87 -11.33 12.74 -12.99
CA THR B 87 -9.95 12.90 -13.51
C THR B 87 -9.90 13.26 -14.99
N LEU B 88 -10.86 12.75 -15.76
CA LEU B 88 -10.93 13.00 -17.19
C LEU B 88 -11.42 14.41 -17.42
N SER B 89 -10.62 15.22 -18.10
CA SER B 89 -10.99 16.62 -18.37
C SER B 89 -12.15 16.73 -19.38
N GLN B 90 -12.42 15.62 -20.07
CA GLN B 90 -13.55 15.50 -20.95
C GLN B 90 -13.86 14.03 -21.09
N PRO B 91 -15.13 13.67 -21.33
CA PRO B 91 -15.54 12.27 -21.38
C PRO B 91 -14.70 11.42 -22.33
N LYS B 92 -14.62 10.12 -22.05
CA LYS B 92 -13.73 9.20 -22.76
C LYS B 92 -14.58 8.10 -23.38
N ILE B 93 -14.81 8.19 -24.69
CA ILE B 93 -15.66 7.22 -25.38
C ILE B 93 -14.81 6.13 -26.03
N VAL B 94 -14.85 4.93 -25.43
CA VAL B 94 -14.09 3.76 -25.93
C VAL B 94 -15.00 2.78 -26.68
N LYS B 95 -14.67 2.56 -27.95
CA LYS B 95 -15.52 1.77 -28.84
C LYS B 95 -15.31 0.28 -28.62
N TRP B 96 -16.36 -0.51 -28.93
CA TRP B 96 -16.30 -1.98 -28.83
C TRP B 96 -15.86 -2.63 -30.13
N ASP B 97 -14.60 -3.04 -30.18
CA ASP B 97 -14.10 -3.86 -31.28
C ASP B 97 -14.40 -5.31 -30.93
N ARG B 98 -15.09 -6.00 -31.81
CA ARG B 98 -15.53 -7.39 -31.58
C ARG B 98 -14.40 -8.37 -31.26
N ASP B 99 -13.16 -7.97 -31.53
CA ASP B 99 -11.98 -8.81 -31.27
C ASP B 99 -11.26 -8.42 -29.99
N MET B 100 -11.95 -7.66 -29.14
CA MET B 100 -11.43 -7.26 -27.82
C MET B 100 -12.59 -7.30 -26.82
N VAL C 1 -22.13 -13.41 6.96
CA VAL C 1 -22.35 -12.33 7.97
C VAL C 1 -21.19 -11.36 7.98
N MET C 2 -21.51 -10.10 8.25
CA MET C 2 -20.48 -9.07 8.41
C MET C 2 -20.14 -8.90 9.88
N ALA C 3 -18.96 -8.32 10.10
CA ALA C 3 -18.44 -8.02 11.43
C ALA C 3 -19.50 -7.37 12.30
N PRO C 4 -19.71 -7.88 13.52
CA PRO C 4 -20.75 -7.33 14.38
C PRO C 4 -20.41 -5.97 15.01
N ARG C 5 -19.26 -5.40 14.67
CA ARG C 5 -18.70 -4.27 15.42
C ARG C 5 -17.57 -3.60 14.67
N THR C 6 -17.60 -2.26 14.64
CA THR C 6 -16.59 -1.47 13.94
C THR C 6 -15.75 -0.64 14.91
N LEU C 7 -15.06 0.36 14.37
CA LEU C 7 -14.28 1.29 15.16
C LEU C 7 -14.90 2.66 15.10
N PHE C 8 -14.85 3.37 16.23
CA PHE C 8 -15.05 4.82 16.25
C PHE C 8 -13.68 5.42 16.03
N LEU C 9 -13.45 6.04 14.87
CA LEU C 9 -12.14 6.60 14.59
C LEU C 9 -11.97 7.88 15.40
N SER D 1 17.75 0.37 16.05
CA SER D 1 17.41 0.20 14.60
C SER D 1 18.18 1.18 13.72
N HIS D 2 18.66 0.70 12.57
CA HIS D 2 19.34 1.55 11.59
C HIS D 2 18.97 1.13 10.18
N SER D 3 18.96 2.08 9.25
CA SER D 3 18.56 1.80 7.86
C SER D 3 19.37 2.59 6.83
N LEU D 4 19.63 1.95 5.69
CA LEU D 4 20.25 2.61 4.52
C LEU D 4 19.28 2.59 3.34
N LYS D 5 18.27 3.46 3.46
CA LYS D 5 17.22 3.62 2.46
C LYS D 5 17.71 4.53 1.32
N TYR D 6 17.49 4.12 0.08
CA TYR D 6 17.70 4.99 -1.09
C TYR D 6 16.37 5.25 -1.78
N PHE D 7 16.31 6.38 -2.49
CA PHE D 7 15.08 6.81 -3.16
C PHE D 7 15.34 7.40 -4.56
N HIS D 8 14.78 6.73 -5.56
CA HIS D 8 14.99 7.09 -6.95
C HIS D 8 13.69 7.55 -7.61
N THR D 9 13.74 8.71 -8.27
CA THR D 9 12.58 9.29 -8.92
C THR D 9 12.91 9.68 -10.36
N SER D 10 12.10 9.24 -11.31
CA SER D 10 12.33 9.60 -12.72
C SER D 10 11.06 10.16 -13.34
N VAL D 11 11.18 11.36 -13.92
CA VAL D 11 10.03 12.05 -14.51
C VAL D 11 10.26 12.30 -16.00
N SER D 12 9.40 11.73 -16.82
CA SER D 12 9.51 11.84 -18.27
C SER D 12 9.04 13.18 -18.75
N ARG D 13 9.88 13.85 -19.54
CA ARG D 13 9.56 15.16 -20.14
C ARG D 13 9.57 15.04 -21.67
N PRO D 14 8.38 14.97 -22.28
CA PRO D 14 8.26 14.87 -23.74
C PRO D 14 8.94 16.01 -24.52
N GLY D 15 8.94 17.22 -23.96
CA GLY D 15 9.48 18.41 -24.63
C GLY D 15 10.99 18.53 -24.58
N ARG D 16 11.56 17.96 -23.52
CA ARG D 16 13.00 17.74 -23.43
C ARG D 16 13.34 16.41 -24.11
N GLY D 17 14.53 15.89 -23.83
CA GLY D 17 14.87 14.54 -24.19
C GLY D 17 14.95 13.74 -22.92
N GLU D 18 16.12 13.80 -22.28
CA GLU D 18 16.36 13.05 -21.07
C GLU D 18 15.29 13.37 -20.02
N PRO D 19 14.74 12.34 -19.35
CA PRO D 19 13.86 12.54 -18.21
C PRO D 19 14.62 12.97 -16.97
N ARG D 20 13.95 13.71 -16.09
CA ARG D 20 14.55 14.15 -14.82
C ARG D 20 14.70 12.96 -13.87
N PHE D 21 15.93 12.74 -13.43
CA PHE D 21 16.27 11.60 -12.57
C PHE D 21 16.96 12.08 -11.30
N ILE D 22 16.41 11.72 -10.15
CA ILE D 22 16.88 12.22 -8.87
C ILE D 22 17.05 11.09 -7.85
N SER D 23 18.17 11.12 -7.14
CA SER D 23 18.47 10.10 -6.14
C SER D 23 18.85 10.73 -4.79
N VAL D 24 18.39 10.11 -3.71
CA VAL D 24 18.77 10.51 -2.36
C VAL D 24 18.91 9.30 -1.45
N GLY D 25 20.08 9.18 -0.82
CA GLY D 25 20.39 8.08 0.10
C GLY D 25 20.26 8.54 1.54
N TYR D 26 19.66 7.67 2.37
CA TYR D 26 19.30 8.04 3.75
C TYR D 26 19.90 7.07 4.77
N VAL D 27 20.75 7.59 5.64
CA VAL D 27 21.19 6.87 6.83
C VAL D 27 20.23 7.27 7.94
N ASP D 28 19.49 6.29 8.45
CA ASP D 28 18.41 6.54 9.40
C ASP D 28 17.53 7.67 8.86
N ASP D 29 17.71 8.88 9.40
CA ASP D 29 16.92 10.05 9.00
C ASP D 29 17.83 11.22 8.65
N THR D 30 18.95 10.92 7.98
CA THR D 30 19.76 11.96 7.32
C THR D 30 20.01 11.66 5.84
N GLN D 31 19.49 12.54 5.00
CA GLN D 31 19.87 12.59 3.60
C GLN D 31 21.32 13.05 3.61
N PHE D 32 22.20 12.21 3.09
CA PHE D 32 23.64 12.54 3.07
C PHE D 32 24.15 12.75 1.65
N VAL D 33 23.69 11.93 0.69
CA VAL D 33 24.08 12.07 -0.71
C VAL D 33 22.86 12.24 -1.61
N ARG D 34 23.04 12.98 -2.70
CA ARG D 34 21.98 13.15 -3.68
C ARG D 34 22.53 13.05 -5.10
N PHE D 35 21.63 13.00 -6.07
CA PHE D 35 22.00 13.02 -7.47
C PHE D 35 20.91 13.68 -8.29
N ASP D 36 21.33 14.52 -9.22
CA ASP D 36 20.42 15.24 -10.12
C ASP D 36 21.09 15.54 -11.46
N ASN D 37 20.47 15.08 -12.55
CA ASN D 37 20.99 15.35 -13.88
C ASN D 37 20.63 16.76 -14.40
N ASP D 38 19.86 17.50 -13.60
CA ASP D 38 19.47 18.87 -13.97
C ASP D 38 20.46 19.95 -13.50
N ALA D 39 21.23 19.64 -12.45
CA ALA D 39 22.20 20.59 -11.90
C ALA D 39 23.40 20.79 -12.84
N ALA D 40 24.27 21.73 -12.45
CA ALA D 40 25.57 21.92 -13.12
C ALA D 40 26.61 20.90 -12.61
N SER D 41 26.13 19.88 -11.88
CA SER D 41 26.94 18.73 -11.47
C SER D 41 26.15 17.40 -11.63
N PRO D 42 26.13 16.81 -12.85
CA PRO D 42 25.51 15.50 -13.11
C PRO D 42 26.30 14.34 -12.51
N ARG D 43 26.82 14.57 -11.31
CA ARG D 43 27.55 13.59 -10.53
C ARG D 43 26.93 13.49 -9.17
N MET D 44 27.26 12.41 -8.47
CA MET D 44 26.79 12.19 -7.11
C MET D 44 27.50 13.20 -6.21
N VAL D 45 26.74 13.92 -5.38
CA VAL D 45 27.30 14.91 -4.44
C VAL D 45 26.95 14.62 -2.97
N PRO D 46 27.80 15.08 -2.04
CA PRO D 46 27.51 14.99 -0.62
C PRO D 46 26.63 16.13 -0.11
N ARG D 47 25.80 15.82 0.88
CA ARG D 47 24.99 16.81 1.57
C ARG D 47 25.48 16.95 3.02
N ALA D 48 25.58 15.81 3.69
CA ALA D 48 26.02 15.74 5.09
C ALA D 48 27.53 15.94 5.20
N PRO D 49 27.97 16.95 5.97
CA PRO D 49 29.38 17.31 6.14
C PRO D 49 30.35 16.15 6.37
N TRP D 50 29.83 14.98 6.76
CA TRP D 50 30.69 13.83 7.07
C TRP D 50 30.95 12.92 5.88
N MET D 51 30.68 13.42 4.68
CA MET D 51 31.11 12.76 3.45
C MET D 51 32.17 13.60 2.71
N GLU D 52 32.46 14.78 3.25
CA GLU D 52 33.30 15.79 2.57
C GLU D 52 34.72 15.29 2.28
N GLN D 53 35.27 14.47 3.18
CA GLN D 53 36.65 13.96 3.03
C GLN D 53 36.76 12.66 2.21
N GLU D 54 35.65 12.19 1.64
CA GLU D 54 35.65 11.00 0.78
C GLU D 54 36.21 11.32 -0.62
N GLY D 55 37.11 10.46 -1.10
CA GLY D 55 37.85 10.73 -2.33
C GLY D 55 37.13 10.39 -3.63
N SER D 56 37.87 10.44 -4.74
CA SER D 56 37.34 10.20 -6.09
C SER D 56 36.83 8.77 -6.24
N GLU D 57 37.70 7.81 -5.93
CA GLU D 57 37.40 6.38 -5.97
C GLU D 57 35.92 6.08 -5.70
N TYR D 58 35.41 6.60 -4.58
CA TYR D 58 34.03 6.37 -4.15
C TYR D 58 33.00 7.04 -5.07
N TRP D 59 33.19 8.34 -5.33
CA TRP D 59 32.20 9.14 -6.07
C TRP D 59 32.02 8.66 -7.50
N ASP D 60 33.13 8.45 -8.20
CA ASP D 60 33.09 7.91 -9.57
C ASP D 60 32.28 6.62 -9.62
N ARG D 61 32.50 5.74 -8.64
CA ARG D 61 31.81 4.44 -8.57
C ARG D 61 30.32 4.54 -8.23
N GLU D 62 29.90 5.63 -7.61
CA GLU D 62 28.49 5.85 -7.30
C GLU D 62 27.78 6.63 -8.41
N THR D 63 28.48 7.58 -9.00
CA THR D 63 27.96 8.27 -10.18
C THR D 63 27.76 7.24 -11.29
N ARG D 64 28.70 6.33 -11.41
CA ARG D 64 28.61 5.21 -12.36
C ARG D 64 27.24 4.54 -12.32
N SER D 65 26.73 4.30 -11.11
CA SER D 65 25.43 3.67 -10.95
C SER D 65 24.32 4.66 -11.26
N ALA D 66 24.35 5.81 -10.60
CA ALA D 66 23.33 6.83 -10.79
C ALA D 66 23.06 7.04 -12.27
N ARG D 67 24.10 7.47 -12.99
CA ARG D 67 24.02 7.71 -14.44
C ARG D 67 23.38 6.51 -15.14
N ASP D 68 23.93 5.32 -14.89
CA ASP D 68 23.45 4.10 -15.52
C ASP D 68 22.02 3.82 -15.14
N THR D 69 21.69 4.10 -13.89
CA THR D 69 20.33 3.90 -13.42
C THR D 69 19.34 4.77 -14.20
N ALA D 70 19.74 6.00 -14.52
CA ALA D 70 18.88 6.91 -15.30
C ALA D 70 18.60 6.41 -16.72
N GLN D 71 19.63 5.87 -17.34
CA GLN D 71 19.52 5.31 -18.68
C GLN D 71 18.61 4.08 -18.69
N ILE D 72 18.79 3.19 -17.71
CA ILE D 72 17.93 2.01 -17.62
C ILE D 72 16.48 2.46 -17.39
N PHE D 73 16.31 3.48 -16.57
CA PHE D 73 14.98 4.00 -16.23
C PHE D 73 14.38 4.77 -17.39
N ARG D 74 15.19 5.48 -18.14
CA ARG D 74 14.69 6.08 -19.36
C ARG D 74 13.93 5.00 -20.14
N VAL D 75 14.58 3.86 -20.35
CA VAL D 75 14.01 2.80 -21.17
C VAL D 75 12.72 2.22 -20.58
N ASN D 76 12.67 2.05 -19.27
CA ASN D 76 11.44 1.57 -18.62
C ASN D 76 10.29 2.55 -18.82
N LEU D 77 10.57 3.83 -18.60
CA LEU D 77 9.59 4.89 -18.83
C LEU D 77 9.01 4.89 -20.24
N ARG D 78 9.68 4.19 -21.15
CA ARG D 78 9.23 4.00 -22.53
C ARG D 78 8.60 2.60 -22.66
N THR D 79 9.24 1.60 -22.07
CA THR D 79 8.74 0.22 -22.10
C THR D 79 7.38 0.18 -21.41
N LEU D 80 7.30 0.84 -20.25
CA LEU D 80 6.06 0.87 -19.45
C LEU D 80 4.94 1.56 -20.22
N ARG D 81 5.27 2.66 -20.89
CA ARG D 81 4.27 3.39 -21.66
C ARG D 81 3.66 2.51 -22.75
N GLY D 82 4.43 1.52 -23.19
CA GLY D 82 3.93 0.50 -24.11
C GLY D 82 2.87 -0.39 -23.48
N TYR D 83 3.22 -1.01 -22.34
CA TYR D 83 2.30 -1.90 -21.62
C TYR D 83 0.93 -1.25 -21.42
N TYR D 84 0.96 -0.01 -20.96
CA TYR D 84 -0.25 0.74 -20.63
C TYR D 84 -0.92 1.40 -21.85
N ASN D 85 -0.36 1.18 -23.04
CA ASN D 85 -0.87 1.78 -24.29
C ASN D 85 -1.17 3.28 -24.13
N GLN D 86 -0.28 3.97 -23.43
CA GLN D 86 -0.50 5.37 -23.07
C GLN D 86 0.04 6.35 -24.11
N SER D 87 -0.64 7.49 -24.20
CA SER D 87 -0.27 8.58 -25.10
C SER D 87 1.19 9.01 -24.88
N GLU D 88 1.93 9.21 -25.97
CA GLU D 88 3.38 9.46 -25.91
C GLU D 88 3.72 10.83 -25.34
N ALA D 89 2.75 11.74 -25.35
CA ALA D 89 2.95 13.12 -24.88
C ALA D 89 2.51 13.34 -23.44
N GLY D 90 2.44 12.26 -22.67
CA GLY D 90 2.02 12.33 -21.27
C GLY D 90 3.21 12.28 -20.34
N SER D 91 3.12 13.02 -19.23
CA SER D 91 4.15 12.99 -18.20
C SER D 91 3.91 11.77 -17.33
N HIS D 92 4.98 11.08 -16.95
CA HIS D 92 4.85 9.88 -16.13
C HIS D 92 5.98 9.76 -15.11
N THR D 93 5.70 9.03 -14.03
CA THR D 93 6.65 8.90 -12.94
C THR D 93 6.91 7.43 -12.63
N LEU D 94 8.19 7.06 -12.61
CA LEU D 94 8.63 5.75 -12.17
C LEU D 94 9.53 5.93 -10.98
N GLN D 95 9.20 5.30 -9.86
CA GLN D 95 9.97 5.46 -8.64
C GLN D 95 10.51 4.12 -8.13
N TRP D 96 11.79 4.11 -7.74
CA TRP D 96 12.42 2.91 -7.18
C TRP D 96 12.90 3.20 -5.77
N MET D 97 12.57 2.29 -4.85
CA MET D 97 12.89 2.43 -3.42
C MET D 97 13.40 1.11 -2.89
N HIS D 98 14.56 1.15 -2.23
CA HIS D 98 15.14 -0.05 -1.64
C HIS D 98 15.86 0.24 -0.33
N GLY D 99 15.81 -0.73 0.58
CA GLY D 99 16.32 -0.53 1.93
C GLY D 99 16.62 -1.79 2.72
N CYS D 100 17.66 -1.69 3.53
CA CYS D 100 18.11 -2.76 4.40
C CYS D 100 18.10 -2.25 5.82
N GLU D 101 17.76 -3.12 6.76
CA GLU D 101 17.61 -2.70 8.14
C GLU D 101 18.43 -3.59 9.08
N LEU D 102 19.08 -2.95 10.06
CA LEU D 102 19.76 -3.66 11.15
C LEU D 102 18.83 -3.73 12.36
N GLY D 103 19.22 -4.50 13.37
CA GLY D 103 18.41 -4.67 14.57
C GLY D 103 19.19 -4.51 15.88
N PRO D 104 18.68 -5.16 16.95
CA PRO D 104 19.34 -5.16 18.27
C PRO D 104 20.73 -5.80 18.24
N ASP D 105 20.81 -6.98 17.61
CA ASP D 105 22.09 -7.67 17.40
C ASP D 105 23.06 -6.84 16.55
N ARG D 106 22.51 -5.94 15.74
CA ARG D 106 23.25 -4.98 14.91
C ARG D 106 23.60 -5.53 13.50
N ARG D 107 23.27 -6.81 13.24
CA ARG D 107 23.36 -7.37 11.88
C ARG D 107 21.98 -7.32 11.20
N PHE D 108 21.96 -7.71 9.92
CA PHE D 108 20.74 -7.74 9.09
C PHE D 108 19.49 -8.19 9.86
N LEU D 109 18.48 -7.33 9.89
CA LEU D 109 17.21 -7.58 10.57
C LEU D 109 16.14 -7.97 9.56
N ARG D 110 16.04 -7.18 8.50
CA ARG D 110 15.13 -7.44 7.40
C ARG D 110 15.50 -6.56 6.20
N GLY D 111 15.00 -6.94 5.03
CA GLY D 111 15.25 -6.16 3.83
C GLY D 111 13.95 -5.90 3.09
N TYR D 112 14.02 -5.02 2.10
CA TYR D 112 12.89 -4.75 1.20
C TYR D 112 13.31 -4.09 -0.10
N GLU D 113 12.38 -4.07 -1.05
CA GLU D 113 12.56 -3.37 -2.31
C GLU D 113 11.25 -3.36 -3.12
N GLN D 114 10.91 -2.22 -3.73
CA GLN D 114 9.77 -2.16 -4.66
C GLN D 114 9.82 -1.00 -5.67
N PHE D 115 9.15 -1.21 -6.81
CA PHE D 115 8.95 -0.20 -7.86
C PHE D 115 7.51 0.31 -7.88
N ALA D 116 7.30 1.44 -8.54
CA ALA D 116 5.96 2.00 -8.67
C ALA D 116 5.80 2.91 -9.88
N TYR D 117 4.69 2.72 -10.61
CA TYR D 117 4.38 3.53 -11.79
C TYR D 117 3.26 4.47 -11.46
N ASP D 118 3.61 5.75 -11.43
CA ASP D 118 2.63 6.81 -11.21
C ASP D 118 1.75 6.49 -10.02
N GLY D 119 2.38 6.48 -8.84
CA GLY D 119 1.67 6.47 -7.57
C GLY D 119 1.07 5.14 -7.20
N LYS D 120 1.06 4.22 -8.16
CA LYS D 120 0.53 2.88 -7.96
C LYS D 120 1.71 1.90 -7.96
N ASP D 121 1.81 1.15 -6.85
CA ASP D 121 2.89 0.19 -6.69
C ASP D 121 2.89 -0.65 -7.96
N TYR D 122 4.08 -0.87 -8.54
CA TYR D 122 4.19 -1.68 -9.77
C TYR D 122 4.77 -3.06 -9.50
N LEU D 123 5.97 -3.11 -8.94
CA LEU D 123 6.60 -4.37 -8.57
C LEU D 123 7.12 -4.30 -7.14
N THR D 124 7.31 -5.48 -6.54
CA THR D 124 7.74 -5.55 -5.16
C THR D 124 8.50 -6.84 -4.91
N LEU D 125 9.71 -6.69 -4.38
CA LEU D 125 10.54 -7.84 -4.02
C LEU D 125 9.99 -8.45 -2.75
N ASN D 126 9.70 -9.74 -2.80
CA ASN D 126 9.10 -10.46 -1.67
C ASN D 126 9.94 -10.41 -0.40
N GLU D 127 9.26 -10.68 0.71
CA GLU D 127 9.89 -10.74 2.03
C GLU D 127 11.11 -11.68 2.02
N ASP D 128 11.01 -12.77 1.26
CA ASP D 128 12.06 -13.79 1.17
C ASP D 128 13.19 -13.42 0.18
N LEU D 129 13.09 -12.24 -0.42
CA LEU D 129 14.14 -11.69 -1.30
C LEU D 129 14.68 -12.67 -2.35
N ARG D 130 13.81 -13.51 -2.91
CA ARG D 130 14.23 -14.49 -3.90
C ARG D 130 13.37 -14.49 -5.16
N SER D 131 12.19 -13.88 -5.10
CA SER D 131 11.28 -13.85 -6.24
C SER D 131 10.48 -12.56 -6.27
N TRP D 132 10.32 -11.99 -7.46
CA TRP D 132 9.55 -10.75 -7.64
C TRP D 132 8.06 -11.05 -7.73
N THR D 133 7.26 -10.07 -7.33
CA THR D 133 5.80 -10.20 -7.33
C THR D 133 5.19 -9.04 -8.09
N ALA D 134 4.28 -9.38 -9.00
CA ALA D 134 3.56 -8.40 -9.79
C ALA D 134 2.47 -7.77 -8.95
N VAL D 135 2.43 -6.45 -8.92
CA VAL D 135 1.41 -5.76 -8.16
C VAL D 135 0.20 -5.56 -9.05
N ASP D 136 0.28 -4.59 -9.95
CA ASP D 136 -0.83 -4.32 -10.88
C ASP D 136 -1.02 -5.50 -11.81
N THR D 137 -2.27 -5.75 -12.20
CA THR D 137 -2.66 -6.86 -13.08
C THR D 137 -2.03 -6.75 -14.50
N ALA D 138 -1.32 -5.64 -14.75
CA ALA D 138 -0.51 -5.45 -15.96
C ALA D 138 1.00 -5.48 -15.69
N ALA D 139 1.38 -5.82 -14.47
CA ALA D 139 2.79 -5.88 -14.11
C ALA D 139 3.36 -7.28 -14.32
N GLN D 140 2.47 -8.26 -14.49
CA GLN D 140 2.84 -9.68 -14.65
C GLN D 140 3.99 -9.91 -15.66
N ILE D 141 4.04 -9.07 -16.68
CA ILE D 141 5.08 -9.16 -17.72
C ILE D 141 6.43 -8.84 -17.09
N SER D 142 6.52 -7.66 -16.47
CA SER D 142 7.75 -7.22 -15.81
C SER D 142 8.14 -8.14 -14.65
N GLU D 143 7.15 -8.77 -14.02
CA GLU D 143 7.42 -9.85 -13.07
C GLU D 143 8.21 -10.95 -13.79
N GLN D 144 7.55 -11.60 -14.75
CA GLN D 144 8.12 -12.78 -15.39
C GLN D 144 9.34 -12.49 -16.27
N LYS D 145 9.56 -11.21 -16.59
CA LYS D 145 10.77 -10.82 -17.30
C LYS D 145 11.97 -10.88 -16.34
N SER D 146 11.70 -10.70 -15.05
CA SER D 146 12.74 -10.60 -14.04
C SER D 146 12.90 -11.87 -13.21
N ASN D 147 11.78 -12.54 -12.95
CA ASN D 147 11.81 -13.85 -12.30
C ASN D 147 12.65 -14.83 -13.14
N ASP D 148 12.43 -14.80 -14.46
CA ASP D 148 13.09 -15.73 -15.39
C ASP D 148 14.59 -15.46 -15.54
N ALA D 149 14.98 -14.19 -15.55
CA ALA D 149 16.40 -13.82 -15.68
C ALA D 149 17.04 -13.47 -14.32
N SER D 150 16.76 -14.30 -13.32
CA SER D 150 17.43 -14.27 -12.01
C SER D 150 18.01 -12.92 -11.64
N GLU D 151 17.16 -11.96 -11.31
CA GLU D 151 17.64 -10.65 -10.84
C GLU D 151 17.50 -10.52 -9.34
N ALA D 152 16.54 -11.24 -8.77
CA ALA D 152 16.33 -11.26 -7.33
C ALA D 152 17.64 -11.60 -6.60
N GLU D 153 18.33 -12.63 -7.09
CA GLU D 153 19.60 -13.08 -6.52
C GLU D 153 20.60 -11.93 -6.32
N HIS D 154 20.64 -11.01 -7.28
CA HIS D 154 21.55 -9.86 -7.21
C HIS D 154 21.13 -8.82 -6.20
N GLN D 155 19.82 -8.75 -5.94
CA GLN D 155 19.26 -7.86 -4.92
C GLN D 155 19.41 -8.46 -3.52
N ARG D 156 19.08 -9.75 -3.42
CA ARG D 156 19.38 -10.54 -2.22
C ARG D 156 20.82 -10.31 -1.81
N ALA D 157 21.69 -10.10 -2.81
CA ALA D 157 23.10 -9.80 -2.58
C ALA D 157 23.28 -8.39 -2.00
N TYR D 158 22.74 -7.38 -2.68
CA TYR D 158 22.92 -6.01 -2.21
C TYR D 158 22.30 -5.79 -0.83
N LEU D 159 21.09 -6.30 -0.65
CA LEU D 159 20.38 -6.07 0.59
C LEU D 159 21.03 -6.75 1.80
N GLU D 160 21.27 -8.06 1.71
CA GLU D 160 21.84 -8.81 2.84
C GLU D 160 23.35 -8.59 3.05
N ASP D 161 24.03 -7.99 2.08
CA ASP D 161 25.50 -7.89 2.14
C ASP D 161 26.06 -6.48 1.90
N THR D 162 25.80 -5.92 0.73
CA THR D 162 26.38 -4.63 0.34
C THR D 162 25.78 -3.46 1.12
N CYS D 163 24.46 -3.37 1.11
CA CYS D 163 23.75 -2.35 1.89
C CYS D 163 24.15 -2.44 3.35
N VAL D 164 24.02 -3.63 3.90
CA VAL D 164 24.40 -3.92 5.28
C VAL D 164 25.76 -3.32 5.59
N GLU D 165 26.76 -3.68 4.79
CA GLU D 165 28.16 -3.31 5.05
C GLU D 165 28.37 -1.80 5.07
N TRP D 166 27.75 -1.10 4.13
CA TRP D 166 27.99 0.34 4.01
C TRP D 166 27.27 1.15 5.08
N LEU D 167 26.14 0.66 5.57
CA LEU D 167 25.49 1.28 6.72
C LEU D 167 26.52 1.39 7.84
N HIS D 168 27.17 0.27 8.15
CA HIS D 168 28.22 0.23 9.15
C HIS D 168 29.43 1.10 8.79
N LYS D 169 29.77 1.15 7.50
CA LYS D 169 30.87 2.01 7.04
C LYS D 169 30.48 3.50 7.15
N TYR D 170 29.20 3.82 6.98
CA TYR D 170 28.75 5.21 7.06
C TYR D 170 28.60 5.65 8.51
N LEU D 171 28.06 4.77 9.35
CA LEU D 171 27.84 5.09 10.75
C LEU D 171 29.15 5.36 11.51
N GLU D 172 30.21 4.62 11.18
CA GLU D 172 31.53 4.90 11.75
C GLU D 172 32.08 6.27 11.32
N LYS D 173 31.62 6.77 10.17
CA LYS D 173 32.06 8.06 9.64
C LYS D 173 31.25 9.23 10.22
N GLY D 174 29.98 8.97 10.49
CA GLY D 174 29.10 9.97 11.12
C GLY D 174 28.76 9.62 12.55
N LYS D 175 29.66 8.88 13.20
CA LYS D 175 29.45 8.34 14.54
C LYS D 175 28.98 9.40 15.52
N GLU D 176 29.76 10.46 15.62
CA GLU D 176 29.57 11.58 16.57
C GLU D 176 28.29 12.42 16.41
N THR D 177 27.50 12.18 15.35
CA THR D 177 26.25 12.92 15.12
C THR D 177 25.02 12.05 14.77
N LEU D 178 25.22 10.96 14.03
CA LEU D 178 24.11 10.05 13.66
C LEU D 178 23.61 9.23 14.84
N LEU D 179 24.55 8.81 15.70
CA LEU D 179 24.22 8.04 16.91
C LEU D 179 23.99 8.92 18.13
N HIS D 180 23.96 10.25 17.93
CA HIS D 180 23.76 11.21 19.03
C HIS D 180 22.28 11.58 19.23
N LEU D 181 21.68 11.04 20.28
CA LEU D 181 20.26 11.26 20.56
C LEU D 181 20.02 12.68 21.04
N GLU D 182 19.02 13.34 20.45
CA GLU D 182 18.64 14.69 20.82
C GLU D 182 17.26 14.68 21.47
N PRO D 183 17.15 15.21 22.71
CA PRO D 183 15.87 15.27 23.39
C PRO D 183 15.02 16.46 22.90
N PRO D 184 13.68 16.27 22.82
CA PRO D 184 12.76 17.32 22.40
C PRO D 184 12.49 18.38 23.48
N LYS D 185 12.61 19.66 23.10
CA LYS D 185 12.36 20.78 24.03
C LYS D 185 10.87 21.04 24.16
N THR D 186 10.30 20.56 25.26
CA THR D 186 8.86 20.44 25.40
C THR D 186 8.25 21.55 26.24
N HIS D 187 7.19 22.17 25.71
CA HIS D 187 6.39 23.15 26.46
C HIS D 187 4.97 23.21 25.92
N VAL D 188 4.03 23.72 26.73
CA VAL D 188 2.62 23.85 26.33
C VAL D 188 2.26 25.31 26.06
N THR D 189 1.57 25.56 24.95
CA THR D 189 1.15 26.92 24.58
C THR D 189 -0.36 27.04 24.71
N HIS D 190 -0.82 28.15 25.30
CA HIS D 190 -2.25 28.41 25.50
C HIS D 190 -2.82 29.29 24.38
N HIS D 191 -4.00 28.90 23.87
CA HIS D 191 -4.72 29.70 22.86
C HIS D 191 -6.24 29.64 23.07
N PRO D 192 -6.87 30.80 23.29
CA PRO D 192 -8.31 30.83 23.46
C PRO D 192 -9.05 30.85 22.12
N ILE D 193 -10.31 30.40 22.12
CA ILE D 193 -11.16 30.43 20.92
C ILE D 193 -12.35 31.36 21.13
N SER D 194 -13.13 31.09 22.17
CA SER D 194 -14.23 31.98 22.58
C SER D 194 -14.14 32.18 24.09
N ASP D 195 -15.29 32.22 24.78
CA ASP D 195 -15.33 32.32 26.24
C ASP D 195 -15.49 30.95 26.90
N HIS D 196 -16.12 30.01 26.19
CA HIS D 196 -16.37 28.67 26.72
C HIS D 196 -15.38 27.61 26.22
N GLU D 197 -14.60 27.93 25.19
CA GLU D 197 -13.66 26.96 24.61
C GLU D 197 -12.28 27.56 24.33
N ALA D 198 -11.26 26.71 24.42
CA ALA D 198 -9.86 27.07 24.16
C ALA D 198 -9.06 25.85 23.69
N THR D 199 -7.94 26.11 23.00
CA THR D 199 -7.07 25.05 22.45
C THR D 199 -5.70 24.97 23.14
N LEU D 200 -5.40 23.81 23.72
CA LEU D 200 -4.10 23.56 24.33
C LEU D 200 -3.25 22.72 23.40
N ARG D 201 -2.11 23.29 23.00
CA ARG D 201 -1.24 22.67 22.03
C ARG D 201 0.10 22.31 22.69
N CYS D 202 0.45 21.04 22.62
CA CYS D 202 1.68 20.51 23.24
C CYS D 202 2.81 20.50 22.21
N TRP D 203 3.91 21.16 22.55
CA TRP D 203 5.01 21.35 21.60
C TRP D 203 6.17 20.37 21.81
N ALA D 204 6.73 19.90 20.69
CA ALA D 204 7.94 19.11 20.67
C ALA D 204 8.92 19.84 19.77
N LEU D 205 10.15 20.02 20.24
CA LEU D 205 11.14 20.80 19.48
C LEU D 205 12.57 20.23 19.42
N GLY D 206 13.00 19.92 18.20
CA GLY D 206 14.39 19.57 17.89
C GLY D 206 14.88 18.26 18.46
N PHE D 207 14.44 17.15 17.85
CA PHE D 207 14.82 15.80 18.28
C PHE D 207 15.28 15.01 17.07
N TYR D 208 16.39 14.26 17.19
CA TYR D 208 17.01 13.70 15.98
C TYR D 208 16.47 12.36 15.51
N PRO D 209 16.26 11.39 16.41
CA PRO D 209 15.47 10.28 15.92
C PRO D 209 14.06 10.79 15.57
N ALA D 210 13.60 10.52 14.35
CA ALA D 210 12.37 11.13 13.84
C ALA D 210 11.08 10.57 14.45
N GLU D 211 11.05 9.25 14.61
CA GLU D 211 9.92 8.54 15.24
C GLU D 211 9.63 9.11 16.63
N ILE D 212 8.43 9.66 16.80
CA ILE D 212 7.98 10.11 18.11
C ILE D 212 6.49 9.82 18.26
N THR D 213 5.97 9.92 19.48
CA THR D 213 4.55 9.66 19.76
C THR D 213 4.02 10.56 20.88
N LEU D 214 3.30 11.61 20.50
CA LEU D 214 2.69 12.55 21.44
C LEU D 214 1.28 12.12 21.80
N THR D 215 0.91 12.32 23.06
CA THR D 215 -0.43 11.93 23.55
C THR D 215 -1.08 12.99 24.43
N TRP D 216 -2.41 13.04 24.37
CA TRP D 216 -3.22 13.84 25.28
C TRP D 216 -4.04 12.91 26.17
N GLN D 217 -3.89 13.07 27.49
CA GLN D 217 -4.62 12.25 28.45
C GLN D 217 -5.11 13.06 29.66
N GLN D 218 -6.38 12.91 29.99
CA GLN D 218 -6.98 13.61 31.14
C GLN D 218 -6.75 12.87 32.46
N ASP D 219 -6.45 13.65 33.49
CA ASP D 219 -6.24 13.19 34.87
C ASP D 219 -6.37 11.67 35.11
N GLY D 220 -5.50 10.90 34.48
CA GLY D 220 -5.50 9.43 34.63
C GLY D 220 -5.55 8.68 33.30
N GLU D 221 -6.66 7.99 33.07
CA GLU D 221 -6.82 7.08 31.89
C GLU D 221 -6.57 7.74 30.53
N GLY D 222 -7.15 8.93 30.33
CA GLY D 222 -6.80 9.76 29.18
C GLY D 222 -7.56 9.56 27.89
N HIS D 223 -8.58 10.40 27.67
CA HIS D 223 -9.40 10.35 26.46
C HIS D 223 -8.73 11.08 25.30
N THR D 224 -9.14 10.72 24.08
CA THR D 224 -8.65 11.35 22.85
C THR D 224 -9.79 11.93 22.01
N GLN D 225 -10.76 12.56 22.69
CA GLN D 225 -11.82 13.30 22.01
C GLN D 225 -11.29 14.67 21.56
N ASP D 226 -11.89 15.20 20.50
CA ASP D 226 -11.52 16.49 19.89
C ASP D 226 -10.01 16.82 19.89
N THR D 227 -9.18 15.79 19.75
CA THR D 227 -7.73 15.97 19.69
C THR D 227 -7.33 16.41 18.28
N GLU D 228 -6.09 16.85 18.11
CA GLU D 228 -5.54 17.13 16.79
C GLU D 228 -4.04 16.85 16.76
N LEU D 229 -3.55 16.36 15.61
CA LEU D 229 -2.14 16.05 15.43
C LEU D 229 -1.69 16.49 14.03
N VAL D 230 -0.38 16.73 13.88
CA VAL D 230 0.21 17.16 12.61
C VAL D 230 1.35 16.26 12.14
N GLU D 231 1.74 16.45 10.89
CA GLU D 231 2.84 15.69 10.30
C GLU D 231 4.15 16.12 10.92
N THR D 232 4.85 15.17 11.53
CA THR D 232 6.21 15.39 12.03
C THR D 232 6.97 16.15 10.96
N ARG D 233 7.40 17.36 11.27
CA ARG D 233 8.06 18.18 10.26
C ARG D 233 9.52 18.41 10.54
N PRO D 234 10.32 18.51 9.47
CA PRO D 234 11.76 18.69 9.62
C PRO D 234 12.09 20.11 10.01
N ALA D 235 13.15 20.29 10.78
CA ALA D 235 13.58 21.61 11.19
C ALA D 235 14.11 22.38 9.97
N GLY D 236 15.15 21.85 9.35
CA GLY D 236 15.88 22.56 8.31
C GLY D 236 17.38 22.43 8.51
N ASP D 237 17.79 22.10 9.75
CA ASP D 237 19.19 21.82 10.10
C ASP D 237 19.46 20.33 10.29
N GLY D 238 18.38 19.56 10.43
CA GLY D 238 18.49 18.12 10.66
C GLY D 238 17.96 17.68 12.02
N THR D 239 16.93 18.37 12.52
CA THR D 239 16.13 17.89 13.65
C THR D 239 14.68 17.78 13.22
N PHE D 240 13.78 17.58 14.20
CA PHE D 240 12.37 17.39 13.93
C PHE D 240 11.45 18.13 14.92
N GLN D 241 10.25 18.46 14.43
CA GLN D 241 9.20 19.11 15.21
C GLN D 241 7.89 18.35 15.06
N LYS D 242 7.01 18.53 16.04
CA LYS D 242 5.66 17.98 16.02
C LYS D 242 4.87 18.59 17.17
N TRP D 243 3.64 19.02 16.92
CA TRP D 243 2.76 19.45 18.00
C TRP D 243 1.43 18.71 18.03
N ALA D 244 0.86 18.62 19.22
CA ALA D 244 -0.38 17.92 19.44
C ALA D 244 -1.33 18.86 20.16
N ALA D 245 -2.54 18.99 19.63
CA ALA D 245 -3.53 19.95 20.14
C ALA D 245 -4.82 19.28 20.60
N VAL D 246 -5.60 20.01 21.39
CA VAL D 246 -6.87 19.52 21.90
C VAL D 246 -7.80 20.66 22.32
N VAL D 247 -9.09 20.48 22.02
CA VAL D 247 -10.14 21.43 22.40
C VAL D 247 -10.55 21.18 23.85
N VAL D 248 -10.36 22.19 24.70
CA VAL D 248 -10.54 22.06 26.15
C VAL D 248 -11.53 23.09 26.69
N PRO D 249 -12.48 22.66 27.56
CA PRO D 249 -13.38 23.55 28.30
C PRO D 249 -12.71 24.69 29.10
N SER D 250 -12.87 25.92 28.61
CA SER D 250 -12.24 27.11 29.20
C SER D 250 -12.44 27.19 30.70
N GLY D 251 -11.36 27.43 31.42
CA GLY D 251 -11.40 27.59 32.87
C GLY D 251 -10.60 26.54 33.62
N GLU D 252 -10.89 25.26 33.34
CA GLU D 252 -10.18 24.15 33.99
C GLU D 252 -9.42 23.29 32.97
N GLU D 253 -8.24 23.79 32.63
CA GLU D 253 -7.33 23.21 31.66
C GLU D 253 -6.38 22.18 32.29
N GLN D 254 -6.13 22.32 33.59
CA GLN D 254 -5.27 21.38 34.33
C GLN D 254 -5.79 19.94 34.28
N ARG D 255 -7.10 19.80 34.10
CA ARG D 255 -7.73 18.49 33.94
C ARG D 255 -7.10 17.63 32.83
N TYR D 256 -6.51 18.30 31.83
CA TYR D 256 -5.86 17.61 30.71
C TYR D 256 -4.34 17.69 30.80
N THR D 257 -3.66 16.54 30.64
CA THR D 257 -2.20 16.45 30.75
C THR D 257 -1.54 15.83 29.51
N CYS D 258 -0.30 16.27 29.23
CA CYS D 258 0.41 15.89 28.01
C CYS D 258 1.55 14.93 28.32
N HIS D 259 1.71 13.93 27.46
CA HIS D 259 2.81 12.96 27.57
C HIS D 259 3.62 12.85 26.29
N VAL D 260 4.95 12.77 26.44
CA VAL D 260 5.88 12.67 25.30
C VAL D 260 6.62 11.33 25.35
N GLN D 261 6.40 10.48 24.34
CA GLN D 261 7.11 9.20 24.21
C GLN D 261 8.18 9.30 23.13
N HIS D 262 9.45 9.41 23.55
CA HIS D 262 10.58 9.53 22.62
C HIS D 262 11.69 8.53 22.93
N GLU D 263 12.48 8.19 21.92
CA GLU D 263 13.61 7.25 22.07
C GLU D 263 14.76 7.85 22.88
N GLY D 264 15.09 9.11 22.59
CA GLY D 264 16.23 9.80 23.22
C GLY D 264 16.05 10.10 24.69
N LEU D 265 14.82 10.40 25.09
CA LEU D 265 14.49 10.68 26.49
C LEU D 265 14.57 9.39 27.32
N PRO D 266 15.08 9.49 28.56
CA PRO D 266 14.95 8.35 29.48
C PRO D 266 13.52 8.20 30.00
N GLU D 267 12.90 9.33 30.38
CA GLU D 267 11.55 9.32 30.92
C GLU D 267 10.54 9.87 29.91
N PRO D 268 9.38 9.19 29.75
CA PRO D 268 8.27 9.77 29.01
C PRO D 268 7.70 10.98 29.74
N VAL D 269 8.16 12.17 29.34
CA VAL D 269 7.94 13.37 30.15
C VAL D 269 6.46 13.77 30.21
N THR D 270 6.06 14.27 31.39
CA THR D 270 4.70 14.76 31.61
C THR D 270 4.69 16.28 31.46
N LEU D 271 3.62 16.81 30.87
CA LEU D 271 3.48 18.27 30.70
C LEU D 271 2.14 18.83 31.19
N ARG D 272 2.21 19.97 31.89
CA ARG D 272 1.12 20.52 32.69
C ARG D 272 0.59 21.87 32.16
N TRP D 273 1.52 22.74 31.75
CA TRP D 273 1.24 24.16 31.44
C TRP D 273 1.00 25.01 32.71
N MET E 1 -2.67 6.20 -12.87
CA MET E 1 -2.28 7.63 -12.70
C MET E 1 -2.94 8.25 -11.45
N ILE E 2 -2.21 8.19 -10.34
CA ILE E 2 -2.64 8.80 -9.10
C ILE E 2 -2.29 10.28 -9.17
N GLN E 3 -3.18 11.09 -8.61
CA GLN E 3 -2.89 12.49 -8.31
C GLN E 3 -3.16 12.78 -6.84
N ARG E 4 -2.11 12.85 -6.03
CA ARG E 4 -2.27 13.10 -4.60
C ARG E 4 -2.13 14.59 -4.32
N THR E 5 -2.87 15.05 -3.31
CA THR E 5 -2.98 16.46 -2.97
C THR E 5 -1.96 16.85 -1.91
N PRO E 6 -1.30 18.02 -2.09
CA PRO E 6 -0.20 18.42 -1.23
C PRO E 6 -0.64 19.04 0.10
N LYS E 7 0.01 18.60 1.18
CA LYS E 7 -0.31 19.06 2.53
C LYS E 7 0.77 20.03 2.99
N ILE E 8 0.38 21.29 3.16
CA ILE E 8 1.34 22.38 3.34
C ILE E 8 1.44 22.78 4.80
N GLN E 9 2.65 22.76 5.35
CA GLN E 9 2.88 23.26 6.71
C GLN E 9 3.90 24.40 6.67
N VAL E 10 3.52 25.56 7.22
CA VAL E 10 4.39 26.74 7.26
C VAL E 10 4.77 27.09 8.68
N TYR E 11 6.08 27.19 8.94
CA TYR E 11 6.60 27.34 10.29
C TYR E 11 7.98 28.00 10.36
N SER E 12 8.32 28.40 11.59
CA SER E 12 9.64 28.94 11.92
C SER E 12 10.51 27.85 12.53
N ARG E 13 11.77 27.81 12.11
CA ARG E 13 12.72 26.75 12.49
C ARG E 13 12.98 26.73 13.98
N HIS E 14 13.09 27.93 14.55
CA HIS E 14 13.28 28.12 15.99
C HIS E 14 12.09 28.92 16.53
N PRO E 15 11.89 28.90 17.86
CA PRO E 15 10.88 29.78 18.46
C PRO E 15 10.97 31.21 17.95
N ALA E 16 9.82 31.75 17.54
CA ALA E 16 9.76 33.04 16.87
C ALA E 16 10.16 34.18 17.78
N GLU E 17 11.47 34.47 17.82
CA GLU E 17 11.97 35.62 18.58
C GLU E 17 12.23 36.79 17.63
N ASN E 18 11.79 37.98 18.05
CA ASN E 18 11.90 39.20 17.25
C ASN E 18 13.31 39.78 17.25
N GLY E 19 13.71 40.34 16.10
CA GLY E 19 15.02 41.01 15.97
C GLY E 19 16.18 40.09 15.66
N LYS E 20 16.19 38.92 16.30
CA LYS E 20 17.28 37.94 16.17
C LYS E 20 17.06 37.03 14.95
N SER E 21 18.17 36.45 14.47
CA SER E 21 18.18 35.62 13.26
C SER E 21 17.31 34.36 13.38
N ASN E 22 16.67 34.00 12.28
CA ASN E 22 15.83 32.81 12.23
C ASN E 22 15.66 32.29 10.81
N PHE E 23 15.17 31.06 10.69
CA PHE E 23 14.87 30.44 9.41
C PHE E 23 13.36 30.20 9.27
N LEU E 24 12.82 30.47 8.08
CA LEU E 24 11.38 30.27 7.76
C LEU E 24 11.21 29.03 6.89
N ASN E 25 10.30 28.16 7.30
CA ASN E 25 10.13 26.89 6.62
C ASN E 25 8.75 26.72 5.99
N CYS E 26 8.75 26.14 4.78
CA CYS E 26 7.55 25.59 4.15
C CYS E 26 7.80 24.14 3.75
N TYR E 27 7.05 23.22 4.37
CA TYR E 27 7.19 21.80 4.14
C TYR E 27 5.92 21.32 3.48
N VAL E 28 6.03 20.99 2.20
CA VAL E 28 4.93 20.37 1.47
C VAL E 28 5.12 18.86 1.52
N SER E 29 4.01 18.12 1.51
CA SER E 29 4.04 16.68 1.74
C SER E 29 2.90 15.95 1.04
N GLY E 30 3.07 14.64 0.87
CA GLY E 30 1.98 13.75 0.49
C GLY E 30 1.33 13.94 -0.88
N PHE E 31 1.98 14.68 -1.78
CA PHE E 31 1.47 14.88 -3.14
C PHE E 31 2.24 13.95 -4.06
N HIS E 32 1.66 13.59 -5.21
CA HIS E 32 2.36 12.67 -6.13
C HIS E 32 2.82 13.23 -7.49
N PRO E 33 1.95 13.88 -8.25
CA PRO E 33 2.55 14.41 -9.46
C PRO E 33 3.67 15.38 -9.05
N SER E 34 4.89 15.13 -9.53
CA SER E 34 6.13 15.78 -9.00
C SER E 34 6.31 17.28 -9.29
N ASP E 35 5.78 17.74 -10.44
CA ASP E 35 5.99 19.11 -10.92
C ASP E 35 5.25 20.07 -10.01
N ILE E 36 5.82 20.33 -8.84
CA ILE E 36 5.24 21.27 -7.88
C ILE E 36 6.04 22.58 -7.86
N GLU E 37 5.39 23.66 -7.47
CA GLU E 37 6.05 24.97 -7.33
C GLU E 37 5.78 25.53 -5.94
N VAL E 38 6.78 26.21 -5.38
CA VAL E 38 6.69 26.76 -4.03
C VAL E 38 7.30 28.16 -4.01
N ASP E 39 6.64 29.07 -3.29
CA ASP E 39 7.18 30.41 -3.05
C ASP E 39 6.87 30.95 -1.65
N LEU E 40 7.87 31.58 -1.05
CA LEU E 40 7.76 32.20 0.27
C LEU E 40 7.64 33.72 0.12
N LEU E 41 6.68 34.31 0.84
CA LEU E 41 6.25 35.69 0.58
C LEU E 41 6.38 36.63 1.79
N LYS E 42 7.18 37.68 1.64
CA LYS E 42 7.26 38.76 2.63
C LYS E 42 6.32 39.91 2.22
N ASN E 43 5.23 40.07 2.96
CA ASN E 43 4.22 41.10 2.68
C ASN E 43 3.64 41.01 1.27
N GLY E 44 3.48 39.79 0.78
CA GLY E 44 2.91 39.53 -0.56
C GLY E 44 3.92 39.52 -1.69
N GLU E 45 5.21 39.63 -1.36
CA GLU E 45 6.29 39.69 -2.34
C GLU E 45 7.16 38.43 -2.24
N ARG E 46 7.33 37.72 -3.36
CA ARG E 46 8.13 36.49 -3.35
C ARG E 46 9.61 36.79 -3.13
N ILE E 47 10.23 36.05 -2.22
CA ILE E 47 11.66 36.26 -1.91
C ILE E 47 12.45 35.45 -2.93
N GLU E 48 13.59 36.00 -3.36
CA GLU E 48 14.31 35.44 -4.50
C GLU E 48 15.21 34.25 -4.11
N LYS E 49 15.97 34.38 -3.02
CA LYS E 49 16.92 33.34 -2.60
C LYS E 49 16.29 32.26 -1.70
N VAL E 50 15.34 31.53 -2.25
CA VAL E 50 14.73 30.42 -1.56
C VAL E 50 15.47 29.14 -1.97
N GLU E 51 15.84 28.32 -0.99
CA GLU E 51 16.57 27.07 -1.23
C GLU E 51 15.66 25.89 -0.94
N HIS E 52 15.77 24.83 -1.76
CA HIS E 52 14.90 23.67 -1.64
C HIS E 52 15.66 22.37 -1.38
N SER E 53 14.99 21.46 -0.67
CA SER E 53 15.53 20.13 -0.37
C SER E 53 15.45 19.28 -1.61
N ASP E 54 16.35 18.31 -1.69
CA ASP E 54 16.38 17.40 -2.84
C ASP E 54 15.16 16.47 -2.76
N LEU E 55 14.49 16.28 -3.89
CA LEU E 55 13.18 15.57 -3.93
C LEU E 55 13.25 14.14 -3.41
N SER E 56 12.36 13.84 -2.49
CA SER E 56 12.31 12.54 -1.83
C SER E 56 10.85 12.12 -1.67
N PHE E 57 10.61 10.81 -1.70
CA PHE E 57 9.26 10.26 -1.53
C PHE E 57 9.16 9.33 -0.34
N SER E 58 7.99 9.34 0.28
CA SER E 58 7.78 8.60 1.52
C SER E 58 7.25 7.21 1.23
N LYS E 59 6.90 6.50 2.30
CA LYS E 59 6.51 5.10 2.23
C LYS E 59 5.54 4.70 1.12
N ASP E 60 4.76 5.68 0.63
CA ASP E 60 3.62 5.43 -0.26
C ASP E 60 3.72 6.10 -1.66
N TRP E 61 4.93 6.53 -2.01
CA TRP E 61 5.25 7.16 -3.31
C TRP E 61 4.92 8.65 -3.38
N SER E 62 4.24 9.16 -2.34
CA SER E 62 3.91 10.58 -2.25
C SER E 62 5.17 11.41 -1.93
N PHE E 63 5.28 12.58 -2.56
CA PHE E 63 6.48 13.42 -2.48
C PHE E 63 6.44 14.43 -1.33
N TYR E 64 7.62 14.90 -0.96
CA TYR E 64 7.80 15.96 0.05
C TYR E 64 9.03 16.84 -0.21
N LEU E 65 8.82 18.15 -0.19
CA LEU E 65 9.89 19.12 -0.37
C LEU E 65 9.93 20.12 0.79
N LEU E 66 11.11 20.66 1.05
CA LEU E 66 11.29 21.65 2.11
C LEU E 66 11.86 22.94 1.55
N TYR E 67 11.29 24.06 1.96
CA TYR E 67 11.65 25.36 1.42
C TYR E 67 11.99 26.37 2.52
N TYR E 68 13.25 26.80 2.56
CA TYR E 68 13.76 27.68 3.63
C TYR E 68 14.47 28.94 3.15
N THR E 69 14.58 29.90 4.08
CA THR E 69 15.36 31.13 3.86
C THR E 69 15.67 31.84 5.17
N GLU E 70 16.79 32.57 5.20
CA GLU E 70 17.09 33.43 6.35
C GLU E 70 16.12 34.61 6.32
N PHE E 71 15.65 34.99 7.50
CA PHE E 71 14.78 36.16 7.64
C PHE E 71 14.82 36.72 9.07
N THR E 72 13.99 37.73 9.35
CA THR E 72 13.90 38.31 10.68
C THR E 72 12.45 38.71 11.01
N PRO E 73 11.80 37.99 11.94
CA PRO E 73 10.38 38.23 12.23
C PRO E 73 10.15 39.53 13.00
N THR E 74 9.02 40.16 12.72
CA THR E 74 8.64 41.41 13.39
C THR E 74 7.14 41.39 13.75
N GLU E 75 6.72 42.36 14.57
CA GLU E 75 5.32 42.50 14.97
C GLU E 75 4.42 42.96 13.82
N LYS E 76 4.96 43.81 12.94
CA LYS E 76 4.21 44.37 11.80
C LYS E 76 4.50 43.65 10.47
N ASP E 77 5.18 42.51 10.53
CA ASP E 77 5.51 41.70 9.34
C ASP E 77 4.84 40.33 9.41
N GLU E 78 4.14 39.96 8.34
CA GLU E 78 3.41 38.71 8.25
C GLU E 78 3.89 37.90 7.05
N TYR E 79 4.44 36.73 7.32
CA TYR E 79 5.03 35.88 6.29
C TYR E 79 4.07 34.75 5.89
N ALA E 80 4.18 34.32 4.62
CA ALA E 80 3.29 33.29 4.07
C ALA E 80 3.89 32.52 2.88
N CYS E 81 3.48 31.25 2.79
CA CYS E 81 3.94 30.35 1.76
C CYS E 81 2.80 30.19 0.75
N ARG E 82 3.17 29.86 -0.49
CA ARG E 82 2.18 29.62 -1.54
C ARG E 82 2.58 28.50 -2.51
N VAL E 83 1.71 27.49 -2.58
CA VAL E 83 1.95 26.28 -3.36
C VAL E 83 0.96 26.16 -4.52
N ASN E 84 1.48 26.09 -5.74
CA ASN E 84 0.66 25.84 -6.92
C ASN E 84 1.00 24.44 -7.43
N HIS E 85 -0.04 23.62 -7.63
CA HIS E 85 0.15 22.20 -7.98
C HIS E 85 -0.93 21.69 -8.94
N VAL E 86 -0.80 20.46 -9.40
CA VAL E 86 -1.74 19.92 -10.38
C VAL E 86 -3.15 19.58 -9.86
N THR E 87 -3.31 19.33 -8.56
CA THR E 87 -4.65 19.04 -8.01
C THR E 87 -5.41 20.29 -7.62
N LEU E 88 -4.69 21.31 -7.17
CA LEU E 88 -5.31 22.58 -6.75
C LEU E 88 -5.78 23.33 -7.99
N SER E 89 -7.07 23.65 -8.05
CA SER E 89 -7.65 24.39 -9.17
C SER E 89 -7.18 25.85 -9.18
N GLN E 90 -6.67 26.31 -8.05
CA GLN E 90 -6.06 27.63 -7.94
C GLN E 90 -5.08 27.60 -6.78
N PRO E 91 -4.01 28.42 -6.85
CA PRO E 91 -2.97 28.37 -5.82
C PRO E 91 -3.50 28.49 -4.39
N LYS E 92 -2.78 27.90 -3.44
CA LYS E 92 -3.23 27.77 -2.05
C LYS E 92 -2.22 28.48 -1.15
N ILE E 93 -2.57 29.68 -0.70
CA ILE E 93 -1.66 30.48 0.10
C ILE E 93 -1.99 30.28 1.58
N VAL E 94 -1.08 29.61 2.28
CA VAL E 94 -1.23 29.36 3.72
C VAL E 94 -0.30 30.26 4.54
N LYS E 95 -0.89 31.03 5.45
CA LYS E 95 -0.16 32.04 6.21
C LYS E 95 0.57 31.42 7.39
N TRP E 96 1.67 32.05 7.80
CA TRP E 96 2.44 31.63 8.97
C TRP E 96 1.96 32.30 10.26
N ASP E 97 1.22 31.55 11.06
CA ASP E 97 0.86 31.99 12.40
C ASP E 97 2.01 31.55 13.32
N ARG E 98 2.56 32.49 14.07
CA ARG E 98 3.71 32.23 14.97
C ARG E 98 3.47 31.16 16.05
N ASP E 99 2.22 30.77 16.25
CA ASP E 99 1.86 29.72 17.20
C ASP E 99 1.59 28.36 16.55
N MET E 100 2.00 28.21 15.28
CA MET E 100 1.90 26.94 14.53
C MET E 100 3.17 26.79 13.69
N VAL F 1 26.32 3.58 -0.30
CA VAL F 1 26.31 3.09 -1.70
C VAL F 1 24.91 2.67 -2.11
N MET F 2 24.57 2.89 -3.37
CA MET F 2 23.30 2.43 -3.91
C MET F 2 23.48 1.09 -4.60
N ALA F 3 22.35 0.41 -4.75
CA ALA F 3 22.28 -0.89 -5.44
C ALA F 3 23.06 -0.87 -6.76
N PRO F 4 23.93 -1.85 -6.97
CA PRO F 4 24.75 -1.83 -8.17
C PRO F 4 23.98 -2.22 -9.45
N ARG F 5 22.68 -2.46 -9.35
CA ARG F 5 21.94 -3.13 -10.42
C ARG F 5 20.44 -3.00 -10.23
N THR F 6 19.73 -2.66 -11.31
CA THR F 6 18.28 -2.46 -11.28
C THR F 6 17.56 -3.51 -12.11
N LEU F 7 16.29 -3.24 -12.41
CA LEU F 7 15.49 -4.08 -13.27
C LEU F 7 15.24 -3.38 -14.60
N PHE F 8 15.20 -4.17 -15.66
CA PHE F 8 14.58 -3.77 -16.93
C PHE F 8 13.13 -4.21 -16.83
N LEU F 9 12.21 -3.27 -16.72
CA LEU F 9 10.81 -3.64 -16.59
C LEU F 9 10.26 -4.10 -17.94
N CYS G 1 -33.38 3.47 47.29
CA CYS G 1 -33.36 3.40 45.80
C CYS G 1 -33.41 1.94 45.31
N SER G 2 -34.33 1.67 44.37
CA SER G 2 -34.44 0.36 43.72
C SER G 2 -35.15 0.47 42.37
N CYS G 3 -34.96 -0.53 41.53
CA CYS G 3 -35.43 -0.48 40.15
C CYS G 3 -36.37 -1.63 39.77
N GLN G 4 -36.78 -1.61 38.50
CA GLN G 4 -37.59 -2.68 37.93
C GLN G 4 -36.64 -3.77 37.39
N GLU G 5 -37.21 -4.91 36.99
CA GLU G 5 -36.39 -6.10 36.75
C GLU G 5 -35.49 -5.94 35.53
N LYS G 6 -36.06 -5.78 34.34
CA LYS G 6 -35.25 -5.65 33.14
C LYS G 6 -34.57 -4.26 33.04
N TRP G 7 -34.54 -3.53 34.17
CA TRP G 7 -34.02 -2.17 34.22
C TRP G 7 -32.66 -2.09 34.89
N VAL G 8 -31.83 -1.15 34.45
CA VAL G 8 -30.50 -0.97 35.01
C VAL G 8 -30.46 0.27 35.87
N GLY G 9 -29.74 0.19 36.98
CA GLY G 9 -29.73 1.22 38.01
C GLY G 9 -28.39 1.89 38.34
N TYR G 10 -28.30 3.19 38.01
CA TYR G 10 -27.10 4.01 38.21
C TYR G 10 -27.51 5.31 38.88
N ARG G 11 -26.75 5.71 39.90
CA ARG G 11 -27.01 6.95 40.64
C ARG G 11 -28.50 7.22 40.92
N CYS G 12 -29.15 6.22 41.49
CA CYS G 12 -30.59 6.27 41.83
C CYS G 12 -31.48 6.68 40.64
N ASN G 13 -31.06 6.28 39.45
CA ASN G 13 -31.88 6.40 38.25
C ASN G 13 -32.15 5.00 37.74
N CYS G 14 -33.36 4.74 37.26
CA CYS G 14 -33.66 3.51 36.54
C CYS G 14 -33.57 3.81 35.08
N TYR G 15 -32.67 3.14 34.39
CA TYR G 15 -32.55 3.25 32.94
C TYR G 15 -33.12 2.02 32.23
N PHE G 16 -33.76 2.23 31.08
CA PHE G 16 -34.21 1.12 30.25
C PHE G 16 -33.55 1.27 28.90
N ILE G 17 -32.58 0.39 28.63
CA ILE G 17 -31.91 0.36 27.34
C ILE G 17 -32.75 -0.58 26.47
N SER G 18 -32.80 -0.32 25.17
CA SER G 18 -33.74 -1.06 24.30
C SER G 18 -33.15 -2.26 23.59
N SER G 19 -34.01 -3.26 23.49
CA SER G 19 -33.73 -4.48 22.78
C SER G 19 -34.04 -4.22 21.30
N GLU G 20 -35.09 -3.44 21.06
CA GLU G 20 -35.81 -3.42 19.79
C GLU G 20 -35.49 -2.15 19.04
N GLN G 21 -36.02 -2.06 17.82
CA GLN G 21 -35.91 -0.85 17.00
C GLN G 21 -37.31 -0.25 16.77
N LYS G 22 -37.53 0.99 17.22
CA LYS G 22 -38.86 1.66 17.13
C LYS G 22 -38.76 3.11 16.68
N THR G 23 -39.92 3.73 16.46
CA THR G 23 -40.02 5.14 16.04
C THR G 23 -39.66 6.05 17.20
N TRP G 24 -39.23 7.28 16.90
CA TRP G 24 -39.02 8.31 17.95
C TRP G 24 -40.36 8.57 18.65
N ASN G 25 -41.38 8.85 17.83
CA ASN G 25 -42.72 9.06 18.33
C ASN G 25 -43.13 7.92 19.27
N GLU G 26 -43.09 6.68 18.74
CA GLU G 26 -43.53 5.46 19.44
C GLU G 26 -42.82 5.27 20.77
N SER G 27 -41.50 5.45 20.74
CA SER G 27 -40.66 5.23 21.92
C SER G 27 -41.04 6.13 23.08
N ARG G 28 -41.33 7.40 22.78
CA ARG G 28 -41.75 8.33 23.81
C ARG G 28 -42.94 7.72 24.57
N HIS G 29 -44.02 7.44 23.83
CA HIS G 29 -45.22 6.80 24.42
C HIS G 29 -44.89 5.54 25.19
N LEU G 30 -43.99 4.74 24.63
CA LEU G 30 -43.61 3.47 25.23
C LEU G 30 -42.89 3.66 26.57
N CYS G 31 -42.17 4.77 26.74
CA CYS G 31 -41.57 5.08 28.02
C CYS G 31 -42.69 5.51 28.96
N ALA G 32 -43.59 6.33 28.43
CA ALA G 32 -44.67 6.87 29.22
C ALA G 32 -45.51 5.78 29.82
N SER G 33 -45.80 4.73 29.06
CA SER G 33 -46.65 3.63 29.54
C SER G 33 -45.95 2.76 30.59
N GLN G 34 -44.62 2.84 30.63
CA GLN G 34 -43.80 2.25 31.69
C GLN G 34 -43.29 3.33 32.69
N LYS G 35 -44.05 4.43 32.74
CA LYS G 35 -43.89 5.51 33.73
C LYS G 35 -42.48 6.05 33.82
N SER G 36 -41.92 6.32 32.65
CA SER G 36 -40.63 7.00 32.51
C SER G 36 -40.68 7.93 31.31
N SER G 37 -39.66 8.78 31.17
CA SER G 37 -39.54 9.69 30.02
C SER G 37 -38.45 9.21 29.09
N LEU G 38 -38.49 9.72 27.86
CA LEU G 38 -37.45 9.44 26.90
C LEU G 38 -36.18 10.18 27.33
N LEU G 39 -35.04 9.49 27.25
CA LEU G 39 -33.78 9.91 27.90
C LEU G 39 -33.43 11.39 27.69
N GLN G 40 -33.49 12.12 28.79
CA GLN G 40 -33.00 13.49 28.86
C GLN G 40 -31.63 13.45 29.51
N LEU G 41 -30.62 13.97 28.82
CA LEU G 41 -29.23 13.96 29.31
C LEU G 41 -28.90 15.08 30.29
N GLN G 42 -28.08 14.74 31.29
CA GLN G 42 -27.45 15.76 32.15
C GLN G 42 -26.14 16.12 31.47
N ASN G 43 -25.21 15.16 31.49
CA ASN G 43 -23.88 15.33 30.90
C ASN G 43 -23.33 14.01 30.37
N THR G 44 -22.08 14.04 29.90
CA THR G 44 -21.37 12.87 29.36
C THR G 44 -21.28 11.68 30.32
N ASP G 45 -21.14 11.97 31.61
CA ASP G 45 -20.96 10.94 32.65
C ASP G 45 -22.27 10.28 33.11
N GLU G 46 -23.40 10.74 32.59
CA GLU G 46 -24.70 10.16 32.95
C GLU G 46 -24.97 8.85 32.22
N LEU G 47 -24.12 8.50 31.25
CA LEU G 47 -24.15 7.18 30.60
C LEU G 47 -22.73 6.61 30.48
N ASP G 48 -21.89 6.89 31.47
CA ASP G 48 -20.50 6.44 31.44
C ASP G 48 -20.38 4.91 31.34
N PHE G 49 -21.14 4.18 32.14
CA PHE G 49 -21.02 2.71 32.17
C PHE G 49 -21.19 2.08 30.78
N MET G 50 -21.95 2.78 29.95
CA MET G 50 -22.24 2.35 28.58
C MET G 50 -21.21 2.88 27.56
N SER G 51 -20.03 3.29 28.06
CA SER G 51 -18.95 3.89 27.25
C SER G 51 -18.75 3.24 25.89
N SER G 52 -18.42 1.96 25.92
CA SER G 52 -18.08 1.20 24.72
C SER G 52 -19.17 1.30 23.65
N SER G 53 -20.44 1.26 24.09
CA SER G 53 -21.59 1.00 23.20
C SER G 53 -21.58 1.65 21.82
N GLN G 54 -22.04 0.87 20.84
CA GLN G 54 -21.92 1.20 19.44
C GLN G 54 -23.29 1.38 18.81
N GLN G 55 -24.34 1.07 19.56
CA GLN G 55 -25.69 1.32 19.09
C GLN G 55 -25.94 2.82 19.20
N PHE G 56 -27.00 3.31 18.56
CA PHE G 56 -27.41 4.71 18.70
C PHE G 56 -28.81 4.83 19.29
N TYR G 57 -28.98 5.72 20.27
CA TYR G 57 -30.20 5.74 21.07
C TYR G 57 -31.00 7.05 20.93
N TRP G 58 -32.33 6.91 20.78
CA TRP G 58 -33.26 8.04 20.79
C TRP G 58 -33.23 8.76 22.15
N ILE G 59 -33.27 10.09 22.14
CA ILE G 59 -33.26 10.87 23.37
C ILE G 59 -34.39 11.88 23.37
N GLY G 60 -34.84 12.28 24.56
CA GLY G 60 -36.05 13.12 24.70
C GLY G 60 -35.93 14.60 24.33
N LEU G 61 -35.55 14.86 23.08
CA LEU G 61 -35.11 16.19 22.65
C LEU G 61 -35.73 16.49 21.29
N SER G 62 -36.45 17.60 21.18
CA SER G 62 -37.01 18.00 19.88
C SER G 62 -36.76 19.46 19.63
N TYR G 63 -37.11 19.93 18.42
CA TYR G 63 -37.04 21.35 18.07
C TYR G 63 -38.46 21.81 17.84
N SER G 64 -39.01 22.61 18.74
CA SER G 64 -40.32 23.23 18.46
C SER G 64 -40.13 24.69 18.15
N GLU G 65 -41.21 25.28 17.67
CA GLU G 65 -41.19 26.63 17.12
C GLU G 65 -41.72 27.65 18.12
N GLU G 66 -41.76 27.32 19.41
CA GLU G 66 -41.92 28.33 20.45
C GLU G 66 -40.60 29.10 20.46
N HIS G 67 -39.51 28.38 20.67
CA HIS G 67 -38.20 28.98 20.95
C HIS G 67 -37.24 28.91 19.77
N THR G 68 -37.70 28.41 18.62
CA THR G 68 -36.82 28.23 17.48
C THR G 68 -35.51 27.58 17.93
N ALA G 69 -35.63 26.56 18.75
CA ALA G 69 -34.46 25.93 19.33
C ALA G 69 -34.75 24.53 19.87
N TRP G 70 -33.67 23.82 20.17
CA TRP G 70 -33.76 22.46 20.69
C TRP G 70 -34.00 22.51 22.19
N LEU G 71 -35.11 21.89 22.61
CA LEU G 71 -35.52 21.77 24.01
C LEU G 71 -35.79 20.31 24.33
N TRP G 72 -35.80 19.99 25.61
CA TRP G 72 -35.92 18.60 26.03
C TRP G 72 -37.39 18.19 26.13
N GLU G 73 -37.64 17.06 26.79
CA GLU G 73 -38.97 16.62 27.20
C GLU G 73 -39.66 17.64 28.09
N ASN G 74 -39.02 17.98 29.20
CA ASN G 74 -39.54 19.01 30.12
C ASN G 74 -39.77 20.36 29.46
N GLY G 75 -38.92 20.66 28.48
CA GLY G 75 -38.91 21.97 27.80
C GLY G 75 -37.79 22.87 28.30
N SER G 76 -36.75 22.26 28.87
CA SER G 76 -35.61 22.98 29.38
C SER G 76 -34.65 23.28 28.24
N ALA G 77 -33.66 24.11 28.55
CA ALA G 77 -32.65 24.51 27.57
C ALA G 77 -31.71 23.35 27.21
N LEU G 78 -31.26 23.33 25.95
CA LEU G 78 -30.20 22.43 25.53
C LEU G 78 -28.89 23.08 25.92
N SER G 79 -28.09 22.39 26.73
CA SER G 79 -26.75 22.84 27.06
C SER G 79 -25.94 23.01 25.77
N GLN G 80 -25.66 24.25 25.37
CA GLN G 80 -25.08 24.49 24.05
C GLN G 80 -23.67 23.95 23.84
N TYR G 81 -23.13 23.27 24.86
CA TYR G 81 -21.84 22.59 24.75
C TYR G 81 -21.92 21.10 25.10
N LEU G 82 -23.13 20.55 25.09
CA LEU G 82 -23.33 19.10 25.24
C LEU G 82 -23.20 18.51 23.85
N PHE G 83 -24.05 18.99 22.95
CA PHE G 83 -23.96 18.60 21.53
C PHE G 83 -23.31 19.71 20.72
N PRO G 84 -22.15 19.41 20.09
CA PRO G 84 -21.29 20.42 19.48
C PRO G 84 -21.90 21.07 18.23
N SER G 85 -22.65 20.28 17.46
CA SER G 85 -23.25 20.74 16.20
C SER G 85 -24.70 21.22 16.37
N PHE G 86 -25.06 21.60 17.59
CA PHE G 86 -26.41 22.07 17.91
C PHE G 86 -26.99 23.07 16.88
N GLU G 87 -26.12 23.78 16.16
CA GLU G 87 -26.54 24.62 15.03
C GLU G 87 -26.32 23.91 13.68
N THR G 88 -26.71 22.64 13.61
CA THR G 88 -26.63 21.87 12.36
C THR G 88 -27.82 20.95 12.15
N PHE G 89 -28.49 20.63 13.24
CA PHE G 89 -29.53 19.60 13.25
C PHE G 89 -30.73 20.04 12.40
N ASN G 90 -31.17 19.16 11.50
CA ASN G 90 -32.35 19.44 10.68
C ASN G 90 -33.62 19.40 11.51
N THR G 91 -34.30 20.54 11.60
CA THR G 91 -35.47 20.69 12.46
C THR G 91 -36.53 19.60 12.19
N LYS G 92 -36.78 19.30 10.92
CA LYS G 92 -37.72 18.24 10.56
C LYS G 92 -37.37 16.93 11.25
N ASN G 93 -36.07 16.70 11.43
CA ASN G 93 -35.54 15.44 11.95
C ASN G 93 -35.30 15.46 13.47
N CYS G 94 -35.08 14.28 14.06
CA CYS G 94 -34.94 14.10 15.52
C CYS G 94 -33.52 13.69 15.86
N ILE G 95 -33.13 13.81 17.13
CA ILE G 95 -31.76 13.52 17.56
C ILE G 95 -31.65 12.08 18.03
N ALA G 96 -30.46 11.48 17.97
CA ALA G 96 -30.23 10.12 18.50
C ALA G 96 -28.82 9.99 19.13
N TYR G 97 -28.77 9.80 20.45
CA TYR G 97 -27.51 9.84 21.23
C TYR G 97 -26.76 8.52 21.20
N ASN G 98 -25.49 8.58 21.61
CA ASN G 98 -24.66 7.39 21.85
C ASN G 98 -23.62 7.71 22.91
N PRO G 99 -23.58 6.95 24.02
CA PRO G 99 -22.65 7.17 25.13
C PRO G 99 -21.15 7.43 24.83
N ASN G 100 -20.79 7.61 23.57
CA ASN G 100 -19.47 8.17 23.21
C ASN G 100 -19.54 9.69 23.06
N GLY G 101 -20.70 10.26 23.40
CA GLY G 101 -20.97 11.69 23.27
C GLY G 101 -21.69 12.09 21.98
N ASN G 102 -21.44 11.37 20.90
CA ASN G 102 -21.90 11.76 19.57
C ASN G 102 -23.42 11.71 19.42
N ALA G 103 -23.94 12.59 18.56
CA ALA G 103 -25.38 12.67 18.25
C ALA G 103 -25.61 12.53 16.76
N LEU G 104 -26.81 12.10 16.40
CA LEU G 104 -27.17 12.01 15.00
C LEU G 104 -28.58 12.57 14.82
N ASP G 105 -28.71 13.70 14.14
CA ASP G 105 -30.03 14.21 13.72
C ASP G 105 -30.57 13.33 12.61
N GLU G 106 -31.79 12.84 12.77
CA GLU G 106 -32.27 11.78 11.92
C GLU G 106 -33.78 11.78 11.76
N SER G 107 -34.20 11.33 10.58
CA SER G 107 -35.60 11.14 10.23
C SER G 107 -36.40 10.58 11.39
N CYS G 108 -37.47 11.27 11.76
CA CYS G 108 -38.24 10.88 12.91
C CYS G 108 -39.07 9.63 12.62
N GLU G 109 -39.51 9.46 11.38
CA GLU G 109 -40.26 8.27 11.01
C GLU G 109 -39.36 7.02 10.89
N ASP G 110 -38.10 7.12 11.32
CA ASP G 110 -37.15 6.00 11.22
C ASP G 110 -37.03 5.22 12.54
N LYS G 111 -36.44 4.02 12.46
CA LYS G 111 -36.50 3.04 13.54
C LYS G 111 -35.14 2.81 14.22
N ASN G 112 -35.04 3.13 15.51
CA ASN G 112 -33.76 3.02 16.24
C ASN G 112 -33.92 2.41 17.62
N ARG G 113 -32.80 1.98 18.22
CA ARG G 113 -32.80 1.56 19.65
C ARG G 113 -32.99 2.83 20.50
N TYR G 114 -33.45 2.69 21.74
CA TYR G 114 -33.85 3.85 22.57
C TYR G 114 -33.71 3.65 24.08
N ILE G 115 -33.62 4.76 24.83
CA ILE G 115 -33.52 4.75 26.31
C ILE G 115 -34.67 5.48 27.01
N CYS G 116 -35.18 4.87 28.09
CA CYS G 116 -36.14 5.52 29.01
C CYS G 116 -35.41 5.84 30.30
N LYS G 117 -35.96 6.76 31.12
CA LYS G 117 -35.31 7.19 32.36
C LYS G 117 -36.27 7.43 33.55
N GLN G 118 -35.99 6.82 34.71
CA GLN G 118 -36.71 7.13 35.95
C GLN G 118 -35.77 7.86 36.91
N GLN G 119 -36.16 8.00 38.19
CA GLN G 119 -35.36 8.79 39.18
C GLN G 119 -35.63 8.48 40.71
N LEU G 120 -35.92 9.54 41.46
CA LEU G 120 -36.00 9.49 42.93
C LEU G 120 -37.34 8.86 43.39
N ILE G 121 -37.79 9.21 44.60
CA ILE G 121 -39.14 8.91 45.11
C ILE G 121 -40.16 9.85 44.45
N ALA H 1 -26.05 14.11 45.50
CA ALA H 1 -25.33 13.18 44.60
C ALA H 1 -25.35 11.78 45.20
N ARG H 2 -26.55 11.21 45.24
CA ARG H 2 -26.82 9.98 46.00
C ARG H 2 -27.00 8.76 45.12
N HIS H 3 -26.37 7.67 45.52
CA HIS H 3 -26.48 6.39 44.81
C HIS H 3 -27.17 5.34 45.69
N CYS H 4 -27.29 4.11 45.18
CA CYS H 4 -27.97 3.03 45.89
C CYS H 4 -27.18 2.55 47.11
N GLY H 5 -27.90 2.25 48.19
CA GLY H 5 -27.29 1.85 49.45
C GLY H 5 -26.93 0.37 49.55
N HIS H 6 -27.32 -0.42 48.56
CA HIS H 6 -27.00 -1.85 48.53
C HIS H 6 -25.72 -2.14 47.75
N CYS H 7 -25.17 -1.11 47.11
CA CYS H 7 -23.94 -1.24 46.32
C CYS H 7 -23.02 -0.04 46.53
N PRO H 8 -21.75 -0.16 46.10
CA PRO H 8 -20.82 0.98 46.15
C PRO H 8 -21.18 2.10 45.17
N GLU H 9 -20.40 3.19 45.22
CA GLU H 9 -20.77 4.43 44.53
C GLU H 9 -20.92 4.28 43.01
N GLU H 10 -19.79 4.08 42.32
CA GLU H 10 -19.77 4.04 40.86
C GLU H 10 -20.24 2.68 40.27
N TRP H 11 -21.12 1.99 40.99
CA TRP H 11 -21.54 0.65 40.61
C TRP H 11 -22.94 0.69 40.05
N ILE H 12 -23.28 -0.31 39.22
CA ILE H 12 -24.62 -0.41 38.64
C ILE H 12 -25.40 -1.63 39.16
N THR H 13 -26.71 -1.44 39.31
CA THR H 13 -27.59 -2.49 39.82
C THR H 13 -28.48 -3.02 38.71
N TYR H 14 -28.39 -4.32 38.43
CA TYR H 14 -29.27 -4.99 37.45
C TYR H 14 -30.35 -5.85 38.13
N SER H 15 -30.00 -7.08 38.50
CA SER H 15 -30.96 -8.03 39.07
C SER H 15 -30.48 -8.52 40.42
N ASN H 16 -30.96 -7.84 41.47
CA ASN H 16 -30.55 -8.12 42.87
C ASN H 16 -29.03 -8.11 43.12
N SER H 17 -28.26 -7.93 42.05
CA SER H 17 -26.80 -8.06 42.10
C SER H 17 -26.13 -6.84 41.49
N CYS H 18 -25.12 -6.31 42.18
CA CYS H 18 -24.37 -5.15 41.71
C CYS H 18 -23.31 -5.57 40.71
N TYR H 19 -22.87 -4.62 39.89
CA TYR H 19 -21.74 -4.87 38.99
C TYR H 19 -20.71 -3.75 39.11
N TYR H 20 -19.45 -4.06 38.82
CA TYR H 20 -18.42 -3.04 38.58
C TYR H 20 -18.00 -3.09 37.12
N ILE H 21 -18.05 -1.95 36.45
CA ILE H 21 -17.67 -1.86 35.05
C ILE H 21 -16.18 -1.50 34.91
N GLY H 22 -15.48 -2.20 34.04
CA GLY H 22 -14.02 -2.25 34.04
C GLY H 22 -13.30 -0.99 33.62
N LYS H 23 -13.28 -0.75 32.30
CA LYS H 23 -12.48 0.33 31.66
C LYS H 23 -10.95 0.23 31.86
N GLU H 24 -10.51 -0.88 32.46
CA GLU H 24 -9.08 -1.14 32.75
C GLU H 24 -8.63 -2.39 32.00
N ARG H 25 -7.41 -2.33 31.46
CA ARG H 25 -6.79 -3.47 30.78
C ARG H 25 -5.95 -4.30 31.78
N ARG H 26 -6.43 -5.49 32.16
CA ARG H 26 -5.73 -6.33 33.14
C ARG H 26 -5.82 -7.81 32.75
N THR H 27 -5.06 -8.65 33.46
CA THR H 27 -4.96 -10.08 33.16
C THR H 27 -5.85 -10.93 34.08
N TRP H 28 -6.29 -12.09 33.60
CA TRP H 28 -7.27 -12.91 34.34
C TRP H 28 -6.91 -13.02 35.81
N GLU H 29 -5.70 -13.45 36.08
CA GLU H 29 -5.18 -13.49 37.44
C GLU H 29 -5.52 -12.19 38.18
N GLU H 30 -4.90 -11.09 37.74
CA GLU H 30 -5.09 -9.78 38.37
C GLU H 30 -6.56 -9.40 38.45
N SER H 31 -7.28 -9.69 37.38
CA SER H 31 -8.71 -9.41 37.27
C SER H 31 -9.49 -10.07 38.41
N LEU H 32 -9.10 -11.30 38.75
CA LEU H 32 -9.70 -12.00 39.86
C LEU H 32 -9.27 -11.38 41.18
N LEU H 33 -8.01 -10.98 41.26
CA LEU H 33 -7.50 -10.33 42.47
C LEU H 33 -8.21 -9.03 42.74
N ALA H 34 -8.21 -8.14 41.75
CA ALA H 34 -8.81 -6.81 41.88
C ALA H 34 -10.26 -6.85 42.37
N CYS H 35 -11.04 -7.79 41.81
CA CYS H 35 -12.43 -7.99 42.22
C CYS H 35 -12.49 -8.40 43.69
N THR H 36 -11.62 -9.33 44.09
CA THR H 36 -11.61 -9.81 45.46
C THR H 36 -11.03 -8.80 46.43
N SER H 37 -10.24 -7.86 45.91
CA SER H 37 -9.81 -6.71 46.70
C SER H 37 -10.94 -5.69 46.88
N LYS H 38 -12.08 -5.92 46.22
CA LYS H 38 -13.26 -5.05 46.31
C LYS H 38 -14.45 -5.75 46.98
N ASN H 39 -14.16 -6.76 47.80
CA ASN H 39 -15.18 -7.53 48.53
C ASN H 39 -16.18 -8.32 47.66
N SER H 40 -15.99 -8.32 46.34
CA SER H 40 -16.83 -9.07 45.41
C SER H 40 -16.06 -10.11 44.59
N SER H 41 -16.78 -10.82 43.74
CA SER H 41 -16.20 -11.86 42.88
C SER H 41 -16.07 -11.38 41.44
N LEU H 42 -15.40 -12.19 40.62
CA LEU H 42 -15.29 -11.95 39.19
C LEU H 42 -16.61 -12.30 38.52
N LEU H 43 -16.89 -11.65 37.40
CA LEU H 43 -18.17 -11.73 36.70
C LEU H 43 -18.58 -13.16 36.38
N SER H 44 -19.72 -13.58 36.91
CA SER H 44 -20.30 -14.89 36.61
C SER H 44 -21.58 -14.72 35.79
N ILE H 45 -21.78 -15.62 34.83
CA ILE H 45 -22.95 -15.54 33.97
C ILE H 45 -24.02 -16.45 34.53
N ASP H 46 -25.17 -15.88 34.83
CA ASP H 46 -26.31 -16.62 35.37
C ASP H 46 -27.19 -17.14 34.24
N ASN H 47 -27.92 -16.24 33.59
CA ASN H 47 -28.88 -16.64 32.56
C ASN H 47 -28.47 -16.15 31.16
N GLU H 48 -28.94 -16.86 30.14
CA GLU H 48 -28.76 -16.44 28.73
C GLU H 48 -29.57 -15.16 28.40
N GLU H 49 -30.06 -14.48 29.44
CA GLU H 49 -30.81 -13.22 29.32
C GLU H 49 -30.10 -12.07 30.03
N GLU H 50 -29.35 -12.40 31.08
CA GLU H 50 -28.35 -11.50 31.63
C GLU H 50 -27.29 -11.23 30.55
N MET H 51 -27.04 -12.24 29.72
CA MET H 51 -25.94 -12.19 28.74
C MET H 51 -26.15 -11.14 27.64
N LYS H 52 -27.40 -10.97 27.20
CA LYS H 52 -27.74 -9.95 26.21
C LYS H 52 -27.51 -8.58 26.84
N PHE H 53 -28.01 -8.38 28.06
CA PHE H 53 -27.79 -7.15 28.82
C PHE H 53 -26.30 -6.82 28.88
N LEU H 54 -25.52 -7.79 29.31
CA LEU H 54 -24.13 -7.57 29.68
C LEU H 54 -23.26 -7.16 28.48
N SER H 55 -23.72 -7.43 27.27
CA SER H 55 -23.03 -7.02 26.05
C SER H 55 -23.37 -5.59 25.62
N ILE H 56 -24.53 -5.10 26.05
CA ILE H 56 -24.97 -3.74 25.75
C ILE H 56 -24.43 -2.77 26.80
N ILE H 57 -23.80 -3.31 27.83
CA ILE H 57 -23.14 -2.52 28.85
C ILE H 57 -21.67 -2.34 28.52
N SER H 58 -20.95 -3.47 28.46
CA SER H 58 -19.54 -3.49 28.04
C SER H 58 -19.13 -4.88 27.53
N PRO H 59 -18.62 -4.94 26.29
CA PRO H 59 -18.78 -6.09 25.43
C PRO H 59 -17.77 -7.18 25.67
N SER H 60 -16.58 -6.83 26.11
CA SER H 60 -15.56 -7.82 26.42
C SER H 60 -15.35 -7.88 27.92
N SER H 61 -15.32 -9.10 28.48
CA SER H 61 -14.96 -9.28 29.89
C SER H 61 -14.56 -10.70 30.25
N TRP H 62 -13.60 -10.80 31.18
CA TRP H 62 -13.22 -12.07 31.78
C TRP H 62 -14.38 -12.58 32.63
N ILE H 63 -14.67 -13.87 32.51
CA ILE H 63 -15.66 -14.49 33.37
C ILE H 63 -15.03 -15.52 34.30
N GLY H 64 -15.62 -15.67 35.48
CA GLY H 64 -15.16 -16.66 36.47
C GLY H 64 -15.38 -18.09 36.02
N VAL H 65 -14.74 -18.45 34.91
CA VAL H 65 -14.78 -19.78 34.31
C VAL H 65 -13.38 -20.09 33.73
N PHE H 66 -12.75 -21.16 34.22
CA PHE H 66 -11.42 -21.57 33.72
C PHE H 66 -11.21 -23.09 33.70
N ARG H 67 -10.27 -23.54 32.85
CA ARG H 67 -9.77 -24.92 32.81
C ARG H 67 -8.46 -24.98 33.57
N ASN H 68 -7.96 -26.16 33.84
CA ASN H 68 -6.63 -26.26 34.42
C ASN H 68 -5.62 -26.47 33.30
N SER H 69 -5.60 -27.67 32.73
CA SER H 69 -4.86 -27.94 31.48
C SER H 69 -5.81 -27.71 30.29
N SER H 70 -5.26 -27.89 29.09
CA SER H 70 -6.04 -27.84 27.85
C SER H 70 -7.23 -28.82 27.95
N HIS H 71 -6.98 -30.03 28.44
CA HIS H 71 -8.04 -31.04 28.53
C HIS H 71 -8.45 -31.33 29.97
N HIS H 72 -9.39 -30.52 30.43
CA HIS H 72 -10.16 -30.74 31.66
C HIS H 72 -11.53 -30.07 31.49
N PRO H 73 -12.49 -30.36 32.38
CA PRO H 73 -13.75 -29.69 32.20
C PRO H 73 -13.65 -28.25 32.67
N TRP H 74 -14.48 -27.38 32.08
CA TRP H 74 -14.51 -25.97 32.45
C TRP H 74 -15.24 -25.81 33.77
N VAL H 75 -14.64 -25.03 34.66
CA VAL H 75 -15.10 -24.92 36.03
C VAL H 75 -15.27 -23.48 36.44
N THR H 76 -16.31 -23.24 37.24
CA THR H 76 -16.56 -21.95 37.85
C THR H 76 -15.58 -21.75 38.99
N MET H 77 -15.75 -20.66 39.75
CA MET H 77 -14.95 -20.43 40.97
C MET H 77 -15.30 -21.46 42.02
N ASN H 78 -16.60 -21.72 42.18
CA ASN H 78 -17.13 -22.72 43.10
C ASN H 78 -16.45 -24.07 42.97
N GLY H 79 -15.92 -24.36 41.79
CA GLY H 79 -15.39 -25.70 41.50
C GLY H 79 -16.47 -26.57 40.87
N LEU H 80 -17.59 -25.95 40.51
CA LEU H 80 -18.69 -26.64 39.87
C LEU H 80 -18.51 -26.70 38.36
N ALA H 81 -19.01 -27.78 37.75
CA ALA H 81 -18.92 -27.97 36.32
C ALA H 81 -19.78 -26.95 35.61
N PHE H 82 -19.15 -26.07 34.84
CA PHE H 82 -19.85 -24.95 34.19
C PHE H 82 -20.86 -25.40 33.16
N LYS H 83 -22.03 -24.79 33.17
CA LYS H 83 -23.16 -25.26 32.38
C LYS H 83 -23.58 -24.22 31.35
N HIS H 84 -22.62 -23.82 30.54
CA HIS H 84 -22.88 -23.02 29.33
C HIS H 84 -21.82 -23.34 28.28
N GLU H 85 -22.21 -23.29 27.02
CA GLU H 85 -21.28 -23.60 25.93
C GLU H 85 -20.20 -22.54 25.87
N ILE H 86 -18.96 -23.01 25.83
CA ILE H 86 -17.78 -22.15 25.86
C ILE H 86 -16.79 -22.64 24.79
N LYS H 87 -16.35 -21.75 23.90
CA LYS H 87 -15.65 -22.14 22.64
C LYS H 87 -14.13 -22.12 22.71
N ALA H 92 -5.86 -23.71 22.06
CA ALA H 92 -5.05 -24.83 22.53
C ALA H 92 -4.48 -24.58 23.94
N GLU H 93 -3.76 -23.46 24.08
CA GLU H 93 -3.15 -23.06 25.37
C GLU H 93 -4.00 -21.99 26.07
N LEU H 94 -5.25 -21.90 25.64
CA LEU H 94 -6.20 -20.95 26.19
C LEU H 94 -6.93 -21.67 27.30
N ASN H 95 -7.07 -21.05 28.46
CA ASN H 95 -7.66 -21.73 29.61
C ASN H 95 -8.68 -20.93 30.41
N CYS H 96 -8.71 -19.61 30.22
CA CYS H 96 -9.73 -18.74 30.83
C CYS H 96 -10.69 -18.24 29.75
N ALA H 97 -11.95 -18.08 30.14
CA ALA H 97 -12.99 -17.74 29.21
C ALA H 97 -13.22 -16.25 29.19
N VAL H 98 -13.78 -15.75 28.10
CA VAL H 98 -14.28 -14.37 28.07
C VAL H 98 -15.65 -14.27 27.46
N LEU H 99 -16.33 -13.20 27.84
CA LEU H 99 -17.59 -12.82 27.24
C LEU H 99 -17.26 -11.92 26.07
N GLN H 100 -17.81 -12.24 24.90
CA GLN H 100 -17.70 -11.38 23.73
C GLN H 100 -18.95 -11.50 22.87
N VAL H 101 -19.68 -10.40 22.77
CA VAL H 101 -20.95 -10.33 22.01
C VAL H 101 -21.83 -11.59 22.10
N ASN H 102 -22.36 -11.84 23.30
CA ASN H 102 -23.40 -12.84 23.55
C ASN H 102 -22.99 -14.29 23.22
N ARG H 103 -21.69 -14.57 23.36
CA ARG H 103 -21.16 -15.93 23.31
C ARG H 103 -19.97 -16.00 24.26
N LEU H 104 -19.63 -17.19 24.72
CA LEU H 104 -18.47 -17.36 25.58
C LEU H 104 -17.31 -17.99 24.81
N LYS H 105 -16.12 -17.43 24.99
CA LYS H 105 -14.98 -17.79 24.16
C LYS H 105 -13.77 -18.14 25.03
N SER H 106 -12.85 -18.87 24.44
CA SER H 106 -11.65 -19.28 25.13
C SER H 106 -10.55 -18.31 24.81
N ALA H 107 -9.85 -17.84 25.84
CA ALA H 107 -8.79 -16.82 25.65
C ALA H 107 -7.51 -17.09 26.42
N GLN H 108 -6.40 -16.52 25.91
CA GLN H 108 -5.08 -16.62 26.55
C GLN H 108 -5.13 -15.88 27.89
N CYS H 109 -4.92 -16.60 28.99
CA CYS H 109 -5.09 -16.00 30.33
C CYS H 109 -4.15 -14.84 30.59
N GLY H 110 -3.19 -14.63 29.69
CA GLY H 110 -2.24 -13.52 29.77
C GLY H 110 -2.63 -12.29 28.97
N SER H 111 -3.69 -12.43 28.18
CA SER H 111 -4.21 -11.32 27.39
C SER H 111 -4.69 -10.24 28.35
N SER H 112 -4.40 -8.98 28.02
CA SER H 112 -4.82 -7.85 28.83
C SER H 112 -6.24 -7.41 28.42
N ILE H 113 -7.24 -7.95 29.12
CA ILE H 113 -8.66 -7.70 28.78
C ILE H 113 -9.34 -6.92 29.91
N ILE H 114 -10.62 -6.60 29.71
CA ILE H 114 -11.40 -5.81 30.66
C ILE H 114 -12.12 -6.75 31.61
N TYR H 115 -12.15 -6.39 32.90
CA TYR H 115 -12.79 -7.21 33.91
C TYR H 115 -13.99 -6.47 34.50
N HIS H 116 -15.08 -7.19 34.73
CA HIS H 116 -16.23 -6.65 35.46
C HIS H 116 -16.43 -7.47 36.73
N CYS H 117 -16.80 -6.84 37.84
CA CYS H 117 -17.00 -7.56 39.11
C CYS H 117 -18.49 -7.71 39.44
N LYS H 118 -18.82 -8.75 40.20
CA LYS H 118 -20.23 -9.08 40.51
C LYS H 118 -20.51 -9.49 41.99
N HIS H 119 -21.72 -9.14 42.43
CA HIS H 119 -22.15 -9.31 43.81
C HIS H 119 -23.35 -10.25 43.96
N LYS H 120 -24.02 -10.15 45.10
CA LYS H 120 -25.16 -10.98 45.45
C LYS H 120 -26.43 -10.13 45.63
N CYS I 1 40.69 -18.39 -37.27
CA CYS I 1 40.15 -17.22 -36.53
C CYS I 1 40.88 -17.02 -35.19
N SER I 2 41.35 -15.80 -34.95
CA SER I 2 41.97 -15.42 -33.67
C SER I 2 41.88 -13.91 -33.44
N CYS I 3 41.99 -13.51 -32.18
CA CYS I 3 41.75 -12.12 -31.76
C CYS I 3 42.95 -11.45 -31.09
N GLN I 4 42.76 -10.20 -30.70
CA GLN I 4 43.75 -9.44 -29.96
C GLN I 4 43.55 -9.73 -28.47
N GLU I 5 44.47 -9.23 -27.64
CA GLU I 5 44.56 -9.71 -26.25
C GLU I 5 43.39 -9.24 -25.41
N LYS I 6 43.22 -7.93 -25.25
CA LYS I 6 42.11 -7.40 -24.46
C LYS I 6 40.76 -7.47 -25.21
N TRP I 7 40.71 -8.30 -26.26
CA TRP I 7 39.53 -8.42 -27.10
C TRP I 7 38.80 -9.74 -26.88
N VAL I 8 37.48 -9.72 -27.07
CA VAL I 8 36.66 -10.92 -26.90
C VAL I 8 36.19 -11.45 -28.25
N GLY I 9 36.20 -12.77 -28.40
CA GLY I 9 35.96 -13.44 -29.69
C GLY I 9 34.74 -14.33 -29.76
N TYR I 10 33.76 -13.91 -30.57
CA TYR I 10 32.49 -14.64 -30.79
C TYR I 10 32.23 -14.74 -32.31
N ARG I 11 31.86 -15.94 -32.77
CA ARG I 11 31.57 -16.20 -34.20
C ARG I 11 32.54 -15.50 -35.17
N CYS I 12 33.83 -15.75 -34.94
CA CYS I 12 34.93 -15.19 -35.74
C CYS I 12 34.86 -13.67 -35.90
N ASN I 13 34.35 -13.00 -34.87
CA ASN I 13 34.40 -11.56 -34.75
C ASN I 13 35.24 -11.21 -33.54
N CYS I 14 36.05 -10.17 -33.65
CA CYS I 14 36.73 -9.62 -32.47
C CYS I 14 35.91 -8.44 -31.98
N TYR I 15 35.45 -8.53 -30.74
CA TYR I 15 34.74 -7.43 -30.08
C TYR I 15 35.62 -6.76 -29.02
N PHE I 16 35.50 -5.43 -28.93
CA PHE I 16 36.17 -4.64 -27.90
C PHE I 16 35.12 -3.88 -27.09
N ILE I 17 34.86 -4.40 -25.90
CA ILE I 17 33.92 -3.76 -25.00
C ILE I 17 34.73 -2.74 -24.23
N SER I 18 34.11 -1.62 -23.85
CA SER I 18 34.86 -0.50 -23.31
C SER I 18 34.93 -0.48 -21.79
N SER I 19 36.11 -0.05 -21.33
CA SER I 19 36.37 0.18 -19.93
C SER I 19 35.87 1.58 -19.56
N GLU I 20 36.04 2.50 -20.51
CA GLU I 20 36.04 3.95 -20.26
C GLU I 20 34.77 4.57 -20.77
N GLN I 21 34.60 5.86 -20.51
CA GLN I 21 33.45 6.63 -21.01
C GLN I 21 33.98 7.72 -21.98
N LYS I 22 33.53 7.69 -23.23
CA LYS I 22 34.01 8.64 -24.27
C LYS I 22 32.88 9.19 -25.15
N THR I 23 33.23 10.12 -26.03
CA THR I 23 32.28 10.72 -26.98
C THR I 23 31.91 9.73 -28.07
N TRP I 24 30.76 9.91 -28.71
CA TRP I 24 30.42 9.11 -29.90
C TRP I 24 31.44 9.37 -30.99
N ASN I 25 31.67 10.65 -31.27
CA ASN I 25 32.68 11.07 -32.23
C ASN I 25 34.02 10.39 -31.95
N GLU I 26 34.54 10.60 -30.73
CA GLU I 26 35.84 10.09 -30.30
C GLU I 26 35.96 8.58 -30.47
N SER I 27 34.93 7.86 -30.03
CA SER I 27 34.94 6.39 -30.04
C SER I 27 35.12 5.83 -31.45
N ARG I 28 34.42 6.42 -32.42
CA ARG I 28 34.54 5.99 -33.80
C ARG I 28 36.02 5.99 -34.18
N HIS I 29 36.66 7.14 -34.08
CA HIS I 29 38.09 7.29 -34.39
C HIS I 29 38.92 6.25 -33.63
N LEU I 30 38.58 6.05 -32.36
CA LEU I 30 39.33 5.15 -31.47
C LEU I 30 39.21 3.69 -31.88
N CYS I 31 38.11 3.32 -32.53
CA CYS I 31 37.99 2.00 -33.12
C CYS I 31 38.83 1.95 -34.40
N ALA I 32 38.78 3.04 -35.15
CA ALA I 32 39.52 3.15 -36.42
C ALA I 32 41.01 2.98 -36.24
N SER I 33 41.57 3.59 -35.20
CA SER I 33 43.02 3.50 -34.92
C SER I 33 43.46 2.11 -34.42
N GLN I 34 42.51 1.33 -33.91
CA GLN I 34 42.73 -0.10 -33.58
C GLN I 34 42.11 -0.99 -34.67
N LYS I 35 41.95 -0.42 -35.86
CA LYS I 35 41.53 -1.12 -37.08
C LYS I 35 40.25 -1.93 -36.92
N SER I 36 39.24 -1.26 -36.38
CA SER I 36 37.90 -1.80 -36.30
C SER I 36 36.90 -0.68 -36.46
N SER I 37 35.64 -1.04 -36.63
CA SER I 37 34.57 -0.05 -36.76
C SER I 37 33.77 0.02 -35.48
N LEU I 38 32.98 1.08 -35.34
CA LEU I 38 32.06 1.20 -34.22
C LEU I 38 30.89 0.24 -34.46
N LEU I 39 30.50 -0.46 -33.40
CA LEU I 39 29.61 -1.63 -33.49
C LEU I 39 28.39 -1.43 -34.39
N GLN I 40 28.39 -2.17 -35.50
CA GLN I 40 27.25 -2.28 -36.39
C GLN I 40 26.57 -3.62 -36.07
N LEU I 41 25.29 -3.57 -35.73
CA LEU I 41 24.53 -4.77 -35.40
C LEU I 41 24.05 -5.53 -36.66
N GLN I 42 24.32 -6.83 -36.71
CA GLN I 42 23.69 -7.73 -37.69
C GLN I 42 22.18 -7.78 -37.36
N ASN I 43 21.81 -8.69 -36.45
CA ASN I 43 20.45 -8.71 -35.85
C ASN I 43 20.55 -8.65 -34.31
N THR I 44 19.49 -9.05 -33.62
CA THR I 44 19.47 -8.96 -32.16
C THR I 44 20.42 -9.95 -31.50
N ASP I 45 20.50 -11.15 -32.08
CA ASP I 45 21.31 -12.25 -31.53
C ASP I 45 22.81 -12.14 -31.86
N GLU I 46 23.37 -10.93 -31.81
CA GLU I 46 24.79 -10.71 -31.99
C GLU I 46 25.50 -10.65 -30.64
N LEU I 47 24.86 -10.01 -29.68
CA LEU I 47 25.40 -9.89 -28.33
C LEU I 47 24.47 -10.62 -27.35
N ASP I 48 24.96 -11.72 -26.79
CA ASP I 48 24.20 -12.53 -25.85
C ASP I 48 25.07 -13.09 -24.72
N PHE I 49 26.28 -13.52 -25.07
CA PHE I 49 27.37 -13.67 -24.10
C PHE I 49 27.41 -12.47 -23.15
N MET I 50 27.02 -11.31 -23.69
CA MET I 50 26.98 -10.04 -22.99
C MET I 50 25.54 -9.62 -22.67
N SER I 51 24.64 -10.60 -22.55
CA SER I 51 23.22 -10.33 -22.30
C SER I 51 23.05 -9.67 -20.94
N SER I 52 23.67 -10.29 -19.95
CA SER I 52 23.74 -9.76 -18.59
C SER I 52 23.82 -8.23 -18.48
N SER I 53 24.75 -7.62 -19.23
CA SER I 53 25.11 -6.21 -19.02
C SER I 53 23.89 -5.29 -18.87
N GLN I 54 23.91 -4.49 -17.80
CA GLN I 54 22.93 -3.42 -17.61
C GLN I 54 23.66 -2.07 -17.57
N GLN I 55 24.31 -1.79 -18.70
CA GLN I 55 24.93 -0.49 -18.99
C GLN I 55 24.81 -0.28 -20.49
N PHE I 56 24.68 0.97 -20.92
CA PHE I 56 24.49 1.27 -22.35
C PHE I 56 25.79 1.50 -23.09
N TYR I 57 25.85 1.04 -24.34
CA TYR I 57 27.06 1.12 -25.15
C TYR I 57 26.83 1.89 -26.44
N TRP I 58 27.74 2.81 -26.75
CA TRP I 58 27.75 3.47 -28.04
C TRP I 58 27.81 2.41 -29.11
N ILE I 59 27.07 2.64 -30.19
CA ILE I 59 27.12 1.79 -31.37
C ILE I 59 27.01 2.68 -32.59
N GLY I 60 27.64 2.27 -33.69
CA GLY I 60 27.72 3.13 -34.86
C GLY I 60 26.42 3.26 -35.63
N LEU I 61 25.64 4.29 -35.32
CA LEU I 61 24.33 4.44 -35.95
C LEU I 61 23.98 5.92 -36.03
N SER I 62 23.46 6.35 -37.19
CA SER I 62 23.17 7.78 -37.44
C SER I 62 22.04 8.06 -38.45
N TYR I 63 21.77 9.34 -38.65
CA TYR I 63 20.79 9.83 -39.61
C TYR I 63 21.53 10.88 -40.44
N SER I 64 21.20 11.01 -41.73
CA SER I 64 21.86 12.00 -42.59
C SER I 64 20.92 13.02 -43.17
N GLU I 65 21.50 14.08 -43.72
CA GLU I 65 20.73 15.16 -44.34
C GLU I 65 20.51 14.99 -45.86
N GLU I 66 21.42 14.29 -46.54
CA GLU I 66 21.14 13.83 -47.92
C GLU I 66 21.01 12.30 -47.95
N HIS I 67 20.20 11.79 -47.02
CA HIS I 67 19.73 10.40 -47.02
C HIS I 67 18.30 10.33 -46.44
N THR I 68 17.95 11.31 -45.60
CA THR I 68 16.64 11.36 -44.93
C THR I 68 16.17 9.95 -44.57
N ALA I 69 17.03 9.27 -43.79
CA ALA I 69 16.79 7.90 -43.37
C ALA I 69 17.89 7.46 -42.38
N TRP I 70 17.53 6.62 -41.41
CA TRP I 70 18.49 6.13 -40.41
C TRP I 70 19.35 5.04 -41.02
N LEU I 71 20.63 5.34 -41.18
CA LEU I 71 21.62 4.38 -41.68
C LEU I 71 22.64 4.03 -40.58
N TRP I 72 23.40 2.97 -40.81
CA TRP I 72 24.48 2.57 -39.90
C TRP I 72 25.67 3.54 -40.05
N GLU I 73 26.88 2.98 -40.13
CA GLU I 73 28.05 3.70 -40.66
C GLU I 73 28.43 3.10 -42.02
N ASN I 74 28.67 1.78 -42.03
CA ASN I 74 29.07 1.06 -43.26
C ASN I 74 28.24 1.36 -44.51
N GLY I 75 27.01 1.85 -44.31
CA GLY I 75 26.18 2.31 -45.41
C GLY I 75 24.90 1.52 -45.60
N SER I 76 24.78 0.40 -44.89
CA SER I 76 23.55 -0.37 -44.90
C SER I 76 22.44 0.40 -44.16
N ALA I 77 21.19 0.20 -44.59
CA ALA I 77 20.05 0.87 -43.99
C ALA I 77 19.58 0.12 -42.77
N LEU I 78 19.24 0.86 -41.72
CA LEU I 78 18.81 0.25 -40.47
C LEU I 78 17.51 -0.48 -40.70
N SER I 79 17.45 -1.71 -40.21
CA SER I 79 16.21 -2.47 -40.22
C SER I 79 15.31 -1.82 -39.16
N GLN I 80 14.16 -1.30 -39.62
CA GLN I 80 13.21 -0.64 -38.73
C GLN I 80 12.71 -1.57 -37.63
N TYR I 81 12.55 -2.86 -37.96
CA TYR I 81 12.08 -3.87 -37.00
C TYR I 81 13.16 -4.23 -35.95
N LEU I 82 14.44 -4.07 -36.32
CA LEU I 82 15.57 -4.44 -35.45
C LEU I 82 15.56 -3.71 -34.11
N PHE I 83 15.03 -2.50 -34.09
CA PHE I 83 14.78 -1.81 -32.83
C PHE I 83 13.29 -1.59 -32.61
N PRO I 84 12.84 -1.76 -31.35
CA PRO I 84 11.40 -1.74 -31.05
C PRO I 84 10.69 -0.46 -31.52
N SER I 85 11.31 0.70 -31.28
CA SER I 85 10.69 2.01 -31.54
C SER I 85 11.14 2.61 -32.86
N PHE I 86 12.45 2.88 -32.97
CA PHE I 86 13.10 3.49 -34.15
C PHE I 86 12.47 4.84 -34.62
N GLU I 87 11.14 4.88 -34.71
CA GLU I 87 10.40 6.07 -35.12
C GLU I 87 10.70 7.28 -34.23
N THR I 88 10.73 7.05 -32.91
CA THR I 88 10.81 8.14 -31.93
C THR I 88 12.15 8.89 -31.95
N PHE I 89 13.23 8.20 -32.37
CA PHE I 89 14.59 8.76 -32.32
C PHE I 89 14.66 10.21 -32.81
N ASN I 90 15.47 11.02 -32.13
CA ASN I 90 15.65 12.42 -32.52
C ASN I 90 16.57 12.54 -33.74
N THR I 91 16.25 13.49 -34.62
CA THR I 91 16.94 13.66 -35.91
C THR I 91 18.48 13.62 -35.84
N LYS I 92 19.08 14.59 -35.14
CA LYS I 92 20.55 14.76 -35.13
C LYS I 92 21.20 14.16 -33.88
N ASN I 93 20.66 13.03 -33.41
CA ASN I 93 21.15 12.33 -32.21
C ASN I 93 21.73 10.95 -32.53
N CYS I 94 22.64 10.49 -31.67
CA CYS I 94 23.36 9.23 -31.88
C CYS I 94 22.77 8.14 -30.99
N ILE I 95 22.82 6.89 -31.45
CA ILE I 95 22.15 5.79 -30.78
C ILE I 95 23.12 5.04 -29.89
N ALA I 96 22.65 4.63 -28.72
CA ALA I 96 23.41 3.78 -27.82
C ALA I 96 22.63 2.50 -27.58
N TYR I 97 23.35 1.39 -27.37
CA TYR I 97 22.72 0.07 -27.29
C TYR I 97 22.98 -0.63 -25.95
N ASN I 98 22.02 -1.44 -25.52
CA ASN I 98 22.21 -2.41 -24.46
C ASN I 98 21.73 -3.77 -24.95
N PRO I 99 22.63 -4.76 -24.97
CA PRO I 99 22.42 -6.15 -25.40
C PRO I 99 21.12 -6.89 -25.03
N ASN I 100 20.29 -6.32 -24.15
CA ASN I 100 18.91 -6.81 -24.01
C ASN I 100 18.07 -6.51 -25.26
N GLY I 101 18.54 -5.60 -26.10
CA GLY I 101 17.83 -5.18 -27.32
C GLY I 101 17.41 -3.71 -27.35
N ASN I 102 17.68 -3.00 -26.26
CA ASN I 102 17.17 -1.63 -26.06
C ASN I 102 18.15 -0.61 -26.62
N ALA I 103 17.62 0.47 -27.18
CA ALA I 103 18.46 1.54 -27.70
C ALA I 103 18.05 2.88 -27.14
N LEU I 104 19.02 3.78 -27.02
CA LEU I 104 18.75 5.15 -26.58
C LEU I 104 19.46 6.18 -27.45
N ASP I 105 18.70 7.18 -27.88
CA ASP I 105 19.21 8.26 -28.72
C ASP I 105 19.67 9.44 -27.87
N GLU I 106 20.98 9.58 -27.73
CA GLU I 106 21.56 10.65 -26.94
C GLU I 106 22.34 11.60 -27.86
N SER I 107 22.91 12.63 -27.25
CA SER I 107 23.63 13.67 -27.97
C SER I 107 24.93 13.17 -28.58
N CYS I 108 25.15 13.47 -29.86
CA CYS I 108 26.39 13.11 -30.52
C CYS I 108 27.57 13.92 -30.01
N GLU I 109 27.46 14.45 -28.80
CA GLU I 109 28.57 15.13 -28.11
C GLU I 109 28.66 14.73 -26.63
N ASP I 110 27.96 13.66 -26.24
CA ASP I 110 27.92 13.25 -24.83
C ASP I 110 28.79 12.02 -24.58
N LYS I 111 29.08 11.77 -23.30
CA LYS I 111 30.00 10.70 -22.89
C LYS I 111 29.27 9.36 -22.68
N ASN I 112 29.91 8.25 -23.07
CA ASN I 112 29.30 6.91 -22.96
C ASN I 112 30.31 5.77 -23.13
N ARG I 113 29.93 4.56 -22.69
CA ARG I 113 30.69 3.34 -22.98
C ARG I 113 30.42 2.99 -24.45
N TYR I 114 31.34 2.25 -25.09
CA TYR I 114 31.19 1.87 -26.53
C TYR I 114 31.64 0.42 -26.82
N ILE I 115 31.62 0.03 -28.09
CA ILE I 115 32.08 -1.30 -28.54
C ILE I 115 32.75 -1.20 -29.92
N CYS I 116 33.90 -1.83 -30.11
CA CYS I 116 34.45 -1.95 -31.46
C CYS I 116 34.26 -3.34 -32.04
N LYS I 117 34.49 -3.49 -33.34
CA LYS I 117 34.15 -4.74 -34.03
C LYS I 117 35.01 -5.00 -35.26
N GLN I 118 35.77 -6.10 -35.22
CA GLN I 118 36.62 -6.53 -36.34
C GLN I 118 35.83 -7.48 -37.26
N GLN I 119 36.51 -8.43 -37.91
CA GLN I 119 35.89 -9.35 -38.87
C GLN I 119 36.72 -10.65 -39.12
N LEU I 120 36.75 -11.13 -40.37
CA LEU I 120 37.25 -12.46 -40.73
C LEU I 120 38.75 -12.70 -40.45
N ILE I 121 39.25 -13.88 -40.89
CA ILE I 121 40.70 -14.26 -40.93
C ILE I 121 41.20 -14.39 -42.37
N ALA J 1 28.60 -16.95 -41.00
CA ALA J 1 28.08 -17.76 -39.86
C ALA J 1 29.05 -18.90 -39.52
N ARG J 2 30.34 -18.56 -39.41
CA ARG J 2 31.39 -19.51 -39.04
C ARG J 2 32.19 -18.94 -37.86
N HIS J 3 32.54 -19.80 -36.90
CA HIS J 3 33.13 -19.39 -35.61
C HIS J 3 34.58 -19.89 -35.49
N CYS J 4 35.19 -19.66 -34.32
CA CYS J 4 36.59 -20.03 -34.09
C CYS J 4 36.78 -21.55 -33.99
N GLY J 5 37.88 -22.02 -34.59
CA GLY J 5 38.18 -23.45 -34.66
C GLY J 5 38.86 -24.05 -33.42
N HIS J 6 39.21 -23.20 -32.46
CA HIS J 6 39.81 -23.65 -31.20
C HIS J 6 38.77 -23.84 -30.09
N CYS J 7 37.53 -23.45 -30.36
CA CYS J 7 36.44 -23.58 -29.39
C CYS J 7 35.16 -24.05 -30.06
N PRO J 8 34.16 -24.49 -29.26
CA PRO J 8 32.85 -24.85 -29.81
C PRO J 8 32.07 -23.65 -30.36
N GLU J 9 30.90 -23.90 -30.93
CA GLU J 9 30.13 -22.90 -31.70
C GLU J 9 29.74 -21.65 -30.90
N GLU J 10 28.81 -21.82 -29.96
CA GLU J 10 28.27 -20.69 -29.19
C GLU J 10 29.19 -20.25 -28.03
N TRP J 11 30.50 -20.44 -28.19
CA TRP J 11 31.47 -20.16 -27.12
C TRP J 11 32.27 -18.91 -27.42
N ILE J 12 32.75 -18.24 -26.37
CA ILE J 12 33.53 -17.01 -26.55
C ILE J 12 35.00 -17.20 -26.15
N THR J 13 35.88 -16.50 -26.86
CA THR J 13 37.32 -16.59 -26.64
C THR J 13 37.85 -15.31 -26.01
N TYR J 14 38.46 -15.42 -24.83
CA TYR J 14 39.09 -14.27 -24.19
C TYR J 14 40.61 -14.35 -24.26
N SER J 15 41.24 -15.08 -23.34
CA SER J 15 42.69 -15.15 -23.25
C SER J 15 43.17 -16.60 -23.36
N ASN J 16 43.51 -17.00 -24.59
CA ASN J 16 43.91 -18.38 -24.92
C ASN J 16 42.93 -19.46 -24.47
N SER J 17 41.87 -19.05 -23.77
CA SER J 17 40.93 -19.97 -23.11
C SER J 17 39.49 -19.63 -23.51
N CYS J 18 38.73 -20.66 -23.86
CA CYS J 18 37.33 -20.51 -24.25
C CYS J 18 36.45 -20.46 -23.01
N TYR J 19 35.27 -19.87 -23.17
CA TYR J 19 34.27 -19.87 -22.10
C TYR J 19 32.91 -20.33 -22.64
N TYR J 20 32.09 -20.91 -21.77
CA TYR J 20 30.66 -21.13 -22.04
C TYR J 20 29.85 -20.24 -21.11
N ILE J 21 28.94 -19.45 -21.69
CA ILE J 21 28.08 -18.54 -20.93
C ILE J 21 26.75 -19.22 -20.60
N GLY J 22 26.34 -19.11 -19.33
CA GLY J 22 25.34 -19.98 -18.71
C GLY J 22 23.91 -19.83 -19.18
N LYS J 23 23.27 -18.77 -18.70
CA LYS J 23 21.83 -18.51 -18.93
C LYS J 23 20.90 -19.58 -18.34
N GLU J 24 21.47 -20.54 -17.61
CA GLU J 24 20.73 -21.65 -17.01
C GLU J 24 20.85 -21.58 -15.48
N ARG J 25 19.75 -21.85 -14.79
CA ARG J 25 19.73 -21.93 -13.33
C ARG J 25 20.01 -23.37 -12.86
N ARG J 26 21.19 -23.61 -12.30
CA ARG J 26 21.56 -24.97 -11.86
C ARG J 26 22.35 -24.92 -10.55
N THR J 27 22.56 -26.09 -9.94
CA THR J 27 23.24 -26.22 -8.63
C THR J 27 24.73 -26.60 -8.78
N TRP J 28 25.56 -26.18 -7.81
CA TRP J 28 27.02 -26.35 -7.92
C TRP J 28 27.36 -27.73 -8.45
N GLU J 29 26.85 -28.74 -7.76
CA GLU J 29 27.03 -30.12 -8.20
C GLU J 29 26.78 -30.24 -9.70
N GLU J 30 25.53 -30.03 -10.10
CA GLU J 30 25.12 -30.15 -11.50
C GLU J 30 25.97 -29.26 -12.40
N SER J 31 26.26 -28.05 -11.91
CA SER J 31 27.06 -27.09 -12.65
C SER J 31 28.42 -27.65 -13.00
N LEU J 32 29.02 -28.38 -12.04
CA LEU J 32 30.29 -29.06 -12.27
C LEU J 32 30.12 -30.22 -13.25
N LEU J 33 29.01 -30.95 -13.11
CA LEU J 33 28.71 -32.05 -14.00
C LEU J 33 28.55 -31.55 -15.43
N ALA J 34 27.64 -30.60 -15.62
CA ALA J 34 27.33 -30.07 -16.95
C ALA J 34 28.57 -29.61 -17.71
N CYS J 35 29.47 -28.92 -17.02
CA CYS J 35 30.73 -28.48 -17.62
C CYS J 35 31.57 -29.69 -18.06
N THR J 36 31.68 -30.70 -17.21
CA THR J 36 32.48 -31.88 -17.51
C THR J 36 31.83 -32.79 -18.57
N SER J 37 30.51 -32.66 -18.73
CA SER J 37 29.82 -33.30 -19.83
C SER J 37 30.10 -32.58 -21.16
N LYS J 38 30.78 -31.43 -21.08
CA LYS J 38 31.12 -30.64 -22.26
C LYS J 38 32.65 -30.61 -22.50
N ASN J 39 33.35 -31.61 -21.99
CA ASN J 39 34.80 -31.73 -22.15
C ASN J 39 35.65 -30.64 -21.51
N SER J 40 35.02 -29.71 -20.78
CA SER J 40 35.73 -28.63 -20.09
C SER J 40 35.50 -28.65 -18.57
N SER J 41 36.12 -27.69 -17.88
CA SER J 41 36.00 -27.59 -16.42
C SER J 41 35.07 -26.44 -16.02
N LEU J 42 34.76 -26.36 -14.73
CA LEU J 42 33.98 -25.26 -14.15
C LEU J 42 34.86 -24.02 -14.02
N LEU J 43 34.24 -22.84 -14.13
CA LEU J 43 34.95 -21.56 -14.23
C LEU J 43 35.98 -21.37 -13.12
N SER J 44 37.23 -21.18 -13.50
CA SER J 44 38.30 -20.87 -12.56
C SER J 44 38.80 -19.46 -12.79
N ILE J 45 39.09 -18.75 -11.71
CA ILE J 45 39.55 -17.37 -11.81
C ILE J 45 41.06 -17.33 -11.77
N ASP J 46 41.65 -16.79 -12.83
CA ASP J 46 43.10 -16.71 -12.96
C ASP J 46 43.62 -15.42 -12.33
N ASN J 47 43.37 -14.30 -13.00
CA ASN J 47 43.89 -13.01 -12.56
C ASN J 47 42.80 -12.05 -12.09
N GLU J 48 43.16 -11.11 -11.22
CA GLU J 48 42.25 -10.04 -10.78
C GLU J 48 41.95 -9.06 -11.94
N GLU J 49 42.30 -9.44 -13.16
CA GLU J 49 42.02 -8.66 -14.37
C GLU J 49 41.12 -9.41 -15.33
N GLU J 50 41.17 -10.73 -15.29
CA GLU J 50 40.13 -11.56 -15.88
C GLU J 50 38.82 -11.27 -15.16
N MET J 51 38.91 -10.97 -13.87
CA MET J 51 37.74 -10.84 -13.00
C MET J 51 36.83 -9.66 -13.36
N LYS J 52 37.44 -8.55 -13.75
CA LYS J 52 36.71 -7.35 -14.19
C LYS J 52 35.96 -7.67 -15.49
N PHE J 53 36.65 -8.32 -16.43
CA PHE J 53 36.05 -8.80 -17.68
C PHE J 53 34.81 -9.65 -17.38
N LEU J 54 35.01 -10.64 -16.53
CA LEU J 54 34.03 -11.72 -16.34
C LEU J 54 32.74 -11.24 -15.72
N SER J 55 32.75 -10.04 -15.14
CA SER J 55 31.55 -9.40 -14.58
C SER J 55 30.78 -8.60 -15.62
N ILE J 56 31.49 -8.14 -16.64
CA ILE J 56 30.89 -7.36 -17.71
C ILE J 56 30.31 -8.31 -18.78
N ILE J 57 30.58 -9.59 -18.61
CA ILE J 57 30.03 -10.62 -19.48
C ILE J 57 28.75 -11.16 -18.88
N SER J 58 28.87 -11.77 -17.70
CA SER J 58 27.73 -12.27 -16.93
C SER J 58 28.09 -12.39 -15.44
N PRO J 59 27.29 -11.72 -14.58
CA PRO J 59 27.76 -11.20 -13.29
C PRO J 59 27.80 -12.22 -12.16
N SER J 60 26.90 -13.19 -12.17
CA SER J 60 26.88 -14.24 -11.15
C SER J 60 27.31 -15.57 -11.78
N SER J 61 28.23 -16.26 -11.10
CA SER J 61 28.62 -17.62 -11.52
C SER J 61 29.33 -18.43 -10.45
N TRP J 62 29.03 -19.73 -10.43
CA TRP J 62 29.75 -20.64 -9.59
C TRP J 62 31.19 -20.68 -10.05
N ILE J 63 32.13 -20.73 -9.12
CA ILE J 63 33.53 -20.97 -9.45
C ILE J 63 34.06 -22.27 -8.84
N GLY J 64 34.99 -22.90 -9.55
CA GLY J 64 35.64 -24.15 -9.10
C GLY J 64 36.49 -23.97 -7.85
N VAL J 65 35.82 -23.54 -6.77
CA VAL J 65 36.44 -23.31 -5.46
C VAL J 65 35.43 -23.70 -4.38
N PHE J 66 35.78 -24.68 -3.54
CA PHE J 66 34.90 -25.16 -2.47
C PHE J 66 35.65 -25.57 -1.20
N ARG J 67 34.90 -25.58 -0.09
CA ARG J 67 35.36 -26.12 1.20
C ARG J 67 34.72 -27.48 1.36
N ASN J 68 35.18 -28.25 2.34
CA ASN J 68 34.52 -29.50 2.67
C ASN J 68 33.52 -29.25 3.78
N SER J 69 34.00 -29.06 5.01
CA SER J 69 33.17 -28.57 6.12
C SER J 69 33.25 -27.05 6.19
N SER J 70 32.51 -26.47 7.13
CA SER J 70 32.58 -25.02 7.38
C SER J 70 34.04 -24.59 7.62
N HIS J 71 34.77 -25.36 8.44
CA HIS J 71 36.15 -25.02 8.77
C HIS J 71 37.15 -25.99 8.11
N HIS J 72 37.51 -25.64 6.87
CA HIS J 72 38.65 -26.20 6.15
C HIS J 72 39.15 -25.14 5.18
N PRO J 73 40.34 -25.35 4.60
CA PRO J 73 40.77 -24.33 3.65
C PRO J 73 40.03 -24.44 2.33
N TRP J 74 39.88 -23.31 1.65
CA TRP J 74 39.21 -23.27 0.35
C TRP J 74 40.13 -23.85 -0.69
N VAL J 75 39.58 -24.76 -1.49
CA VAL J 75 40.36 -25.53 -2.42
C VAL J 75 39.80 -25.44 -3.83
N THR J 76 40.70 -25.41 -4.80
CA THR J 76 40.35 -25.49 -6.22
C THR J 76 39.98 -26.94 -6.57
N MET J 77 39.71 -27.20 -7.84
CA MET J 77 39.46 -28.56 -8.32
C MET J 77 40.72 -29.39 -8.15
N ASN J 78 41.84 -28.80 -8.53
CA ASN J 78 43.15 -29.42 -8.42
C ASN J 78 43.42 -30.00 -7.03
N GLY J 79 42.78 -29.45 -6.01
CA GLY J 79 43.10 -29.81 -4.64
C GLY J 79 44.17 -28.88 -4.08
N LEU J 80 44.43 -27.79 -4.82
CA LEU J 80 45.40 -26.79 -4.40
C LEU J 80 44.72 -25.72 -3.52
N ALA J 81 45.48 -25.18 -2.58
CA ALA J 81 45.00 -24.11 -1.68
C ALA J 81 44.74 -22.82 -2.46
N PHE J 82 43.46 -22.41 -2.51
CA PHE J 82 43.05 -21.28 -3.34
C PHE J 82 43.66 -19.96 -2.87
N LYS J 83 44.13 -19.17 -3.83
CA LYS J 83 44.91 -17.96 -3.52
C LYS J 83 44.21 -16.68 -3.97
N HIS J 84 42.98 -16.53 -3.52
CA HIS J 84 42.25 -15.28 -3.64
C HIS J 84 41.29 -15.17 -2.46
N GLU J 85 41.06 -13.94 -2.01
CA GLU J 85 40.15 -13.70 -0.89
C GLU J 85 38.72 -14.08 -1.25
N ILE J 86 38.11 -14.87 -0.38
CA ILE J 86 36.78 -15.42 -0.61
C ILE J 86 35.93 -15.29 0.68
N LYS J 87 34.76 -14.65 0.58
CA LYS J 87 34.02 -14.15 1.77
C LYS J 87 32.95 -15.11 2.29
N ALA J 92 27.87 -19.74 7.09
CA ALA J 92 28.12 -20.82 8.04
C ALA J 92 28.09 -22.19 7.36
N GLU J 93 26.96 -22.52 6.73
CA GLU J 93 26.77 -23.79 6.01
C GLU J 93 26.98 -23.60 4.49
N LEU J 94 27.65 -22.52 4.13
CA LEU J 94 27.95 -22.21 2.74
C LEU J 94 29.32 -22.81 2.50
N ASN J 95 29.49 -23.49 1.37
CA ASN J 95 30.76 -24.19 1.11
C ASN J 95 31.29 -24.08 -0.31
N CYS J 96 30.45 -23.62 -1.23
CA CYS J 96 30.89 -23.33 -2.58
C CYS J 96 30.88 -21.82 -2.81
N ALA J 97 31.82 -21.36 -3.61
CA ALA J 97 32.01 -19.94 -3.83
C ALA J 97 31.28 -19.46 -5.07
N VAL J 98 30.97 -18.17 -5.13
CA VAL J 98 30.51 -17.57 -6.37
C VAL J 98 31.18 -16.25 -6.68
N LEU J 99 31.20 -15.95 -7.97
CA LEU J 99 31.66 -14.67 -8.48
C LEU J 99 30.43 -13.79 -8.49
N GLN J 100 30.56 -12.62 -7.88
CA GLN J 100 29.51 -11.58 -7.93
C GLN J 100 30.13 -10.17 -7.91
N VAL J 101 29.99 -9.46 -9.02
CA VAL J 101 30.55 -8.12 -9.21
C VAL J 101 31.95 -7.91 -8.60
N ASN J 102 32.92 -8.60 -9.19
CA ASN J 102 34.36 -8.38 -8.92
C ASN J 102 34.79 -8.66 -7.47
N ARG J 103 34.10 -9.59 -6.81
CA ARG J 103 34.51 -10.14 -5.51
C ARG J 103 34.05 -11.60 -5.46
N LEU J 104 34.70 -12.40 -4.62
CA LEU J 104 34.32 -13.80 -4.46
C LEU J 104 33.57 -13.99 -3.15
N LYS J 105 32.46 -14.72 -3.22
CA LYS J 105 31.55 -14.80 -2.10
C LYS J 105 31.22 -16.26 -1.79
N SER J 106 30.79 -16.49 -0.56
CA SER J 106 30.44 -17.81 -0.10
C SER J 106 28.95 -18.04 -0.25
N ALA J 107 28.56 -19.16 -0.86
CA ALA J 107 27.15 -19.44 -1.17
C ALA J 107 26.68 -20.87 -0.83
N GLN J 108 25.37 -21.00 -0.62
CA GLN J 108 24.73 -22.29 -0.35
C GLN J 108 24.83 -23.14 -1.61
N CYS J 109 25.53 -24.27 -1.52
CA CYS J 109 25.79 -25.10 -2.70
C CYS J 109 24.52 -25.63 -3.36
N GLY J 110 23.38 -25.41 -2.71
CA GLY J 110 22.08 -25.83 -3.23
C GLY J 110 21.35 -24.72 -3.96
N SER J 111 21.88 -23.50 -3.86
CA SER J 111 21.29 -22.36 -4.55
C SER J 111 21.33 -22.61 -6.05
N SER J 112 20.26 -22.27 -6.74
CA SER J 112 20.19 -22.42 -8.19
C SER J 112 20.77 -21.16 -8.88
N ILE J 113 22.05 -21.23 -9.21
CA ILE J 113 22.78 -20.10 -9.79
C ILE J 113 23.27 -20.43 -11.21
N ILE J 114 23.90 -19.47 -11.86
CA ILE J 114 24.35 -19.59 -13.25
C ILE J 114 25.78 -20.11 -13.27
N TYR J 115 26.06 -21.02 -14.19
CA TYR J 115 27.40 -21.61 -14.31
C TYR J 115 28.02 -21.23 -15.64
N HIS J 116 29.31 -20.91 -15.62
CA HIS J 116 30.08 -20.70 -16.84
C HIS J 116 31.18 -21.74 -16.89
N CYS J 117 31.50 -22.25 -18.07
CA CYS J 117 32.55 -23.27 -18.22
C CYS J 117 33.83 -22.68 -18.84
N LYS J 118 34.98 -23.29 -18.53
CA LYS J 118 36.29 -22.76 -18.97
C LYS J 118 37.27 -23.83 -19.48
N HIS J 119 38.09 -23.41 -20.45
CA HIS J 119 39.03 -24.27 -21.19
C HIS J 119 40.50 -23.88 -21.00
N LYS J 120 41.34 -24.41 -21.89
CA LYS J 120 42.79 -24.18 -21.87
C LYS J 120 43.28 -23.47 -23.15
#